data_1C0W
#
_entry.id   1C0W
#
_cell.length_a   180.2
_cell.length_b   180.2
_cell.length_c   151.0
_cell.angle_alpha   90.0
_cell.angle_beta   90.0
_cell.angle_gamma   90.0
#
_symmetry.space_group_name_H-M   'P 42 2 2'
#
loop_
_entity.id
_entity.type
_entity.pdbx_description
1 polymer "DNA (5'-D(P*AP*TP*TP*AP*GP*GP*TP*TP*AP*GP*CP*CP*TP*AP*CP*CP*CP*TP*AP*AP*T)-3')"
2 polymer "DNA (5'-D(P*AP*TP*TP*AP*GP*GP*TP*TP*AP*GP*GP*CP*TP*AP*CP*CP*CP*TP*AP*AP*T)-3')"
3 polymer 'DIPHTHERIA TOXIN REPRESSOR'
4 non-polymer 'COBALT (II) ION'
#
loop_
_entity_poly.entity_id
_entity_poly.type
_entity_poly.pdbx_seq_one_letter_code
_entity_poly.pdbx_strand_id
1 'polydeoxyribonucleotide'
;(DA)(DT)(DT)(DA)(DG)(DG)(DT)(DT)(DA)(DG)(DC)(DC)(DT)(DA)(DC)(DC)(DC)(DT)(DA)(DA)
(DT)
;
E
2 'polydeoxyribonucleotide'
;(DA)(DT)(DT)(DA)(DG)(DG)(DT)(DT)(DA)(DG)(DG)(DC)(DT)(DA)(DC)(DC)(DC)(DT)(DA)(DA)
(DT)
;
F
3 'polypeptide(L)'
;KDLVDTTEMYLRTIYELEEEGVTPLRARIAERLEQSGPTVSQTVARMERDGLVVVASDRSLQMTPTGRTLATAVMRKHRL
AERLLTDIIGLDINKVHDEACRWEHVMSDEVERRLVKVLKDVSRSPFGNPIPGLDELGVGNSDAAAPGTRVIDAATSMPR
KVRIVQINEIFQVETDQFTQLLDADIRVGSEVEIVDRDGHITLSHNGKDVELLDDLAHTIRIEEL
;
A,B,C,D
#
loop_
_chem_comp.id
_chem_comp.type
_chem_comp.name
_chem_comp.formula
CO non-polymer 'COBALT (II) ION' 'Co 2'
DA DNA linking 2'-DEOXYADENOSINE-5'-MONOPHOSPHATE 'C10 H14 N5 O6 P'
DC DNA linking 2'-DEOXYCYTIDINE-5'-MONOPHOSPHATE 'C9 H14 N3 O7 P'
DG DNA linking 2'-DEOXYGUANOSINE-5'-MONOPHOSPHATE 'C10 H14 N5 O7 P'
DT DNA linking THYMIDINE-5'-MONOPHOSPHATE 'C10 H15 N2 O8 P'
#
# COMPACT_ATOMS: atom_id res chain seq x y z
N LYS C 1 -4.17 11.21 10.61
CA LYS C 1 -3.61 10.56 9.38
C LYS C 1 -4.70 10.12 8.39
N ASP C 2 -5.10 11.05 7.53
CA ASP C 2 -6.09 10.82 6.50
C ASP C 2 -6.30 12.17 5.89
N LEU C 3 -5.60 12.41 4.78
CA LEU C 3 -5.69 13.68 4.10
C LEU C 3 -7.08 14.00 3.55
N VAL C 4 -7.98 13.01 3.56
CA VAL C 4 -9.34 13.17 3.03
C VAL C 4 -9.19 13.20 1.52
N ASP C 5 -8.45 14.18 1.02
CA ASP C 5 -8.14 14.27 -0.41
C ASP C 5 -6.64 14.57 -0.46
N THR C 6 -5.88 13.59 -0.91
CA THR C 6 -4.43 13.72 -1.02
C THR C 6 -4.01 14.91 -1.88
N THR C 7 -4.38 14.84 -3.15
CA THR C 7 -4.03 15.87 -4.11
C THR C 7 -4.28 17.28 -3.58
N GLU C 8 -5.43 17.47 -2.94
CA GLU C 8 -5.76 18.77 -2.38
C GLU C 8 -4.75 19.18 -1.31
N MET C 9 -4.58 18.36 -0.27
CA MET C 9 -3.64 18.70 0.79
C MET C 9 -2.22 18.90 0.26
N TYR C 10 -1.88 18.27 -0.87
CA TYR C 10 -0.54 18.46 -1.42
C TYR C 10 -0.45 19.87 -1.98
N LEU C 11 -1.46 20.24 -2.76
CA LEU C 11 -1.51 21.56 -3.36
C LEU C 11 -1.62 22.63 -2.30
N ARG C 12 -2.49 22.42 -1.32
CA ARG C 12 -2.66 23.41 -0.26
C ARG C 12 -1.32 23.59 0.45
N THR C 13 -0.56 22.51 0.52
CA THR C 13 0.72 22.59 1.18
C THR C 13 1.68 23.42 0.34
N ILE C 14 1.76 23.16 -0.95
CA ILE C 14 2.66 23.94 -1.80
C ILE C 14 2.32 25.42 -1.64
N TYR C 15 1.01 25.69 -1.63
CA TYR C 15 0.50 27.05 -1.47
C TYR C 15 1.05 27.60 -0.16
N GLU C 16 0.80 26.87 0.93
CA GLU C 16 1.26 27.24 2.27
C GLU C 16 2.76 27.58 2.30
N LEU C 17 3.59 26.71 1.72
CA LEU C 17 5.03 26.93 1.69
C LEU C 17 5.33 28.25 1.01
N GLU C 18 4.64 28.51 -0.09
CA GLU C 18 4.81 29.74 -0.84
C GLU C 18 4.48 30.90 0.10
N GLU C 19 3.41 30.76 0.87
CA GLU C 19 2.98 31.76 1.83
C GLU C 19 4.10 32.04 2.83
N GLU C 20 4.64 30.98 3.44
CA GLU C 20 5.72 31.11 4.43
C GLU C 20 7.04 31.54 3.80
N GLY C 21 7.08 31.64 2.47
CA GLY C 21 8.29 32.05 1.80
C GLY C 21 9.31 30.94 1.61
N VAL C 22 8.86 29.71 1.79
CA VAL C 22 9.72 28.55 1.64
C VAL C 22 9.63 27.99 0.23
N THR C 23 10.71 27.40 -0.28
CA THR C 23 10.69 26.83 -1.62
C THR C 23 9.96 25.49 -1.62
N PRO C 24 8.87 25.37 -2.41
CA PRO C 24 8.12 24.11 -2.46
C PRO C 24 8.99 23.00 -3.01
N LEU C 25 9.30 22.03 -2.16
CA LEU C 25 10.14 20.89 -2.50
C LEU C 25 9.43 19.62 -2.08
N ARG C 26 9.56 18.57 -2.89
CA ARG C 26 8.92 17.32 -2.54
C ARG C 26 9.19 17.01 -1.06
N ALA C 27 10.45 17.25 -0.69
CA ALA C 27 10.93 17.03 0.68
C ALA C 27 10.02 17.71 1.70
N ARG C 28 9.61 18.93 1.40
CA ARG C 28 8.75 19.67 2.32
C ARG C 28 7.47 18.89 2.56
N ILE C 29 6.79 18.62 1.47
CA ILE C 29 5.53 17.92 1.52
C ILE C 29 5.67 16.69 2.36
N ALA C 30 6.75 15.96 2.13
CA ALA C 30 7.02 14.73 2.86
C ALA C 30 6.99 14.93 4.39
N GLU C 31 7.88 15.79 4.89
CA GLU C 31 7.92 16.05 6.33
C GLU C 31 6.64 16.66 6.86
N ARG C 32 6.14 17.67 6.15
CA ARG C 32 4.92 18.36 6.55
C ARG C 32 3.72 17.42 6.61
N LEU C 33 3.63 16.51 5.65
CA LEU C 33 2.51 15.59 5.64
C LEU C 33 2.86 14.22 6.21
N GLU C 34 4.07 14.11 6.76
CA GLU C 34 4.53 12.84 7.35
C GLU C 34 4.27 11.66 6.43
N GLN C 35 4.85 11.74 5.24
CA GLN C 35 4.70 10.69 4.24
C GLN C 35 6.07 10.32 3.72
N SER C 36 6.21 9.07 3.29
CA SER C 36 7.49 8.57 2.79
C SER C 36 7.97 9.36 1.59
N GLY C 37 9.28 9.41 1.42
CA GLY C 37 9.85 10.11 0.28
C GLY C 37 9.31 9.56 -1.03
N PRO C 38 9.51 8.27 -1.31
CA PRO C 38 9.00 7.68 -2.55
C PRO C 38 7.52 7.97 -2.74
N THR C 39 6.74 7.88 -1.66
CA THR C 39 5.31 8.14 -1.74
C THR C 39 5.00 9.50 -2.33
N VAL C 40 5.46 10.58 -1.69
CA VAL C 40 5.17 11.92 -2.20
C VAL C 40 5.71 12.14 -3.60
N SER C 41 6.91 11.65 -3.88
CA SER C 41 7.44 11.82 -5.22
C SER C 41 6.50 11.22 -6.28
N GLN C 42 5.88 10.08 -5.95
CA GLN C 42 4.94 9.35 -6.84
C GLN C 42 3.62 10.10 -6.97
N THR C 43 2.99 10.38 -5.82
CA THR C 43 1.74 11.11 -5.80
C THR C 43 1.91 12.41 -6.59
N VAL C 44 3.08 13.04 -6.47
CA VAL C 44 3.34 14.26 -7.21
C VAL C 44 3.40 13.97 -8.69
N ALA C 45 4.05 12.87 -9.07
CA ALA C 45 4.15 12.52 -10.48
C ALA C 45 2.74 12.43 -11.08
N ARG C 46 1.83 11.84 -10.31
CA ARG C 46 0.44 11.67 -10.71
C ARG C 46 -0.11 13.06 -11.03
N MET C 47 0.08 13.96 -10.07
CA MET C 47 -0.36 15.35 -10.17
C MET C 47 0.14 15.98 -11.46
N GLU C 48 1.44 15.88 -11.69
CA GLU C 48 2.08 16.42 -12.88
C GLU C 48 1.44 15.81 -14.13
N ARG C 49 1.08 14.54 -14.04
CA ARG C 49 0.46 13.83 -15.16
C ARG C 49 -0.90 14.45 -15.44
N ASP C 50 -1.50 15.02 -14.40
CA ASP C 50 -2.80 15.66 -14.53
C ASP C 50 -2.65 17.17 -14.64
N GLY C 51 -1.49 17.61 -15.14
CA GLY C 51 -1.21 19.03 -15.30
C GLY C 51 -1.65 19.91 -14.16
N LEU C 52 -1.41 19.45 -12.94
CA LEU C 52 -1.77 20.22 -11.77
C LEU C 52 -0.55 20.95 -11.20
N VAL C 53 0.64 20.44 -11.53
CA VAL C 53 1.90 20.99 -11.05
C VAL C 53 3.04 20.42 -11.88
N VAL C 54 4.18 21.09 -11.86
CA VAL C 54 5.35 20.60 -12.58
C VAL C 54 6.59 20.75 -11.72
N VAL C 55 7.45 19.74 -11.82
CA VAL C 55 8.68 19.75 -11.06
C VAL C 55 9.71 20.47 -11.90
N ALA C 56 10.06 21.65 -11.43
CA ALA C 56 11.02 22.52 -12.08
C ALA C 56 12.33 21.81 -12.39
N SER C 57 13.15 22.46 -13.20
CA SER C 57 14.46 21.95 -13.56
C SER C 57 15.32 21.92 -12.29
N ASP C 58 14.93 22.72 -11.30
CA ASP C 58 15.64 22.78 -10.03
C ASP C 58 14.91 22.02 -8.92
N ARG C 59 14.05 21.08 -9.31
CA ARG C 59 13.28 20.25 -8.37
C ARG C 59 12.19 20.95 -7.55
N SER C 60 11.96 22.24 -7.83
CA SER C 60 10.95 22.98 -7.10
C SER C 60 9.60 22.73 -7.74
N LEU C 61 8.55 22.89 -6.95
CA LEU C 61 7.22 22.64 -7.44
C LEU C 61 6.43 23.87 -7.90
N GLN C 62 6.23 23.97 -9.21
CA GLN C 62 5.46 25.07 -9.75
C GLN C 62 4.06 24.62 -10.13
N MET C 63 3.09 25.03 -9.34
CA MET C 63 1.73 24.67 -9.63
C MET C 63 1.36 25.28 -10.97
N THR C 64 0.66 24.49 -11.79
CA THR C 64 0.20 24.98 -13.08
C THR C 64 -0.92 25.94 -12.72
N PRO C 65 -1.37 26.74 -13.68
CA PRO C 65 -2.44 27.70 -13.40
C PRO C 65 -3.60 26.99 -12.74
N THR C 66 -3.98 25.89 -13.37
CA THR C 66 -5.08 25.06 -12.89
C THR C 66 -4.82 24.52 -11.49
N GLY C 67 -3.60 24.02 -11.27
CA GLY C 67 -3.26 23.47 -9.97
C GLY C 67 -3.38 24.58 -8.96
N ARG C 68 -2.73 25.70 -9.28
CA ARG C 68 -2.70 26.89 -8.45
C ARG C 68 -4.12 27.31 -8.05
N THR C 69 -5.00 27.31 -9.03
CA THR C 69 -6.39 27.68 -8.85
C THR C 69 -7.05 26.85 -7.77
N LEU C 70 -6.87 25.55 -7.89
CA LEU C 70 -7.46 24.62 -6.94
C LEU C 70 -6.84 24.80 -5.56
N ALA C 71 -5.51 24.87 -5.53
CA ALA C 71 -4.78 25.07 -4.29
C ALA C 71 -5.43 26.22 -3.53
N THR C 72 -5.64 27.32 -4.23
CA THR C 72 -6.23 28.52 -3.67
C THR C 72 -7.64 28.32 -3.14
N ALA C 73 -8.45 27.64 -3.94
CA ALA C 73 -9.82 27.35 -3.57
C ALA C 73 -9.86 26.60 -2.24
N VAL C 74 -8.90 25.71 -2.08
CA VAL C 74 -8.81 24.93 -0.86
C VAL C 74 -8.51 25.84 0.33
N MET C 75 -7.44 26.62 0.20
CA MET C 75 -7.06 27.54 1.27
C MET C 75 -8.25 28.41 1.64
N ARG C 76 -8.94 28.90 0.62
CA ARG C 76 -10.10 29.75 0.81
C ARG C 76 -11.14 29.01 1.64
N LYS C 77 -11.49 27.81 1.19
CA LYS C 77 -12.47 26.98 1.89
C LYS C 77 -12.06 26.73 3.35
N HIS C 78 -10.76 26.50 3.55
CA HIS C 78 -10.22 26.23 4.88
C HIS C 78 -10.52 27.39 5.84
N ARG C 79 -9.96 28.55 5.53
CA ARG C 79 -10.14 29.74 6.36
C ARG C 79 -11.60 30.11 6.57
N LEU C 80 -12.39 29.99 5.51
CA LEU C 80 -13.82 30.30 5.59
C LEU C 80 -14.46 29.40 6.63
N ALA C 81 -14.12 28.11 6.56
CA ALA C 81 -14.66 27.14 7.47
C ALA C 81 -14.26 27.50 8.90
N GLU C 82 -12.97 27.81 9.07
CA GLU C 82 -12.46 28.17 10.38
C GLU C 82 -13.34 29.26 10.97
N ARG C 83 -13.52 30.32 10.18
CA ARG C 83 -14.34 31.46 10.60
C ARG C 83 -15.70 31.00 11.04
N LEU C 84 -16.35 30.21 10.20
CA LEU C 84 -17.68 29.69 10.50
C LEU C 84 -17.65 28.90 11.80
N LEU C 85 -16.69 28.00 11.89
CA LEU C 85 -16.54 27.15 13.05
C LEU C 85 -16.45 27.94 14.37
N THR C 86 -15.61 28.97 14.39
CA THR C 86 -15.41 29.80 15.57
C THR C 86 -16.52 30.83 15.80
N ASP C 87 -16.72 31.69 14.80
CA ASP C 87 -17.73 32.74 14.86
C ASP C 87 -19.17 32.25 15.03
N ILE C 88 -19.57 31.25 14.26
CA ILE C 88 -20.94 30.75 14.35
C ILE C 88 -21.12 29.53 15.23
N ILE C 89 -20.40 28.45 14.91
CA ILE C 89 -20.54 27.23 15.70
C ILE C 89 -19.95 27.40 17.09
N GLY C 90 -18.89 28.19 17.18
CA GLY C 90 -18.26 28.42 18.46
C GLY C 90 -17.54 27.18 18.97
N LEU C 91 -16.88 26.48 18.06
CA LEU C 91 -16.15 25.28 18.41
C LEU C 91 -14.83 25.70 19.04
N ASP C 92 -14.34 24.91 20.00
CA ASP C 92 -13.08 25.21 20.67
C ASP C 92 -12.02 25.64 19.66
N ILE C 93 -11.36 26.76 19.94
CA ILE C 93 -10.35 27.32 19.06
C ILE C 93 -9.16 26.44 18.64
N ASN C 94 -8.80 25.42 19.42
CA ASN C 94 -7.68 24.58 19.03
C ASN C 94 -8.14 23.56 17.98
N LYS C 95 -9.31 22.97 18.24
CA LYS C 95 -9.91 21.96 17.35
C LYS C 95 -10.32 22.55 16.02
N VAL C 96 -10.54 23.85 16.01
CA VAL C 96 -10.96 24.55 14.82
C VAL C 96 -10.12 24.25 13.58
N HIS C 97 -8.81 24.48 13.64
CA HIS C 97 -8.01 24.24 12.46
C HIS C 97 -8.11 22.81 11.93
N ASP C 98 -8.12 21.82 12.82
CA ASP C 98 -8.21 20.43 12.40
C ASP C 98 -9.51 20.15 11.67
N GLU C 99 -10.63 20.52 12.30
CA GLU C 99 -11.93 20.31 11.69
C GLU C 99 -11.92 20.92 10.28
N ALA C 100 -11.40 22.13 10.16
CA ALA C 100 -11.35 22.81 8.88
C ALA C 100 -10.49 22.04 7.88
N CYS C 101 -9.39 21.48 8.37
CA CYS C 101 -8.48 20.72 7.54
C CYS C 101 -9.19 19.57 6.84
N ARG C 102 -10.37 19.25 7.38
CA ARG C 102 -11.22 18.19 6.86
C ARG C 102 -12.28 18.78 5.96
N TRP C 103 -13.04 19.73 6.51
CA TRP C 103 -14.11 20.39 5.79
C TRP C 103 -13.66 21.03 4.49
N GLU C 104 -12.46 21.59 4.49
CA GLU C 104 -11.92 22.22 3.29
C GLU C 104 -12.07 21.33 2.06
N HIS C 105 -12.11 20.02 2.26
CA HIS C 105 -12.22 19.11 1.14
C HIS C 105 -13.64 18.66 0.76
N VAL C 106 -14.64 19.07 1.55
CA VAL C 106 -16.01 18.69 1.24
C VAL C 106 -17.00 19.86 1.28
N MET C 107 -16.47 21.08 1.20
CA MET C 107 -17.32 22.26 1.23
C MET C 107 -17.52 22.75 -0.20
N SER C 108 -18.77 22.93 -0.61
CA SER C 108 -19.08 23.40 -1.96
C SER C 108 -18.88 24.90 -2.12
N ASP C 109 -18.84 25.35 -3.38
CA ASP C 109 -18.67 26.77 -3.69
C ASP C 109 -19.85 27.58 -3.14
N GLU C 110 -21.06 27.02 -3.29
CA GLU C 110 -22.27 27.70 -2.81
C GLU C 110 -22.16 27.95 -1.32
N VAL C 111 -22.03 26.88 -0.55
CA VAL C 111 -21.93 27.02 0.89
C VAL C 111 -20.97 28.14 1.20
N GLU C 112 -19.86 28.17 0.48
CA GLU C 112 -18.87 29.20 0.67
C GLU C 112 -19.50 30.57 0.54
N ARG C 113 -20.15 30.80 -0.60
CA ARG C 113 -20.82 32.07 -0.86
C ARG C 113 -21.82 32.42 0.24
N ARG C 114 -22.65 31.46 0.61
CA ARG C 114 -23.64 31.65 1.69
C ARG C 114 -22.94 32.16 2.93
N LEU C 115 -21.79 31.56 3.20
CA LEU C 115 -20.97 31.89 4.36
C LEU C 115 -20.55 33.34 4.33
N VAL C 116 -19.99 33.76 3.19
CA VAL C 116 -19.54 35.13 3.04
C VAL C 116 -20.67 36.04 3.50
N LYS C 117 -21.88 35.73 3.07
CA LYS C 117 -23.05 36.51 3.45
C LYS C 117 -23.29 36.49 4.96
N VAL C 118 -23.46 35.29 5.50
CA VAL C 118 -23.73 35.11 6.92
C VAL C 118 -22.61 35.53 7.84
N LEU C 119 -21.41 35.68 7.29
CA LEU C 119 -20.27 36.07 8.11
C LEU C 119 -20.04 37.57 8.04
N LYS C 120 -19.56 38.13 9.14
CA LYS C 120 -19.26 39.56 9.20
C LYS C 120 -18.22 39.85 8.13
N ASP C 121 -16.97 40.06 8.56
CA ASP C 121 -15.90 40.31 7.62
C ASP C 121 -15.29 38.98 7.26
N VAL C 122 -14.80 38.85 6.04
CA VAL C 122 -14.17 37.61 5.62
C VAL C 122 -12.79 37.95 5.09
N SER C 123 -12.17 38.97 5.69
CA SER C 123 -10.85 39.39 5.29
C SER C 123 -9.81 38.31 5.59
N ARG C 124 -9.80 37.86 6.84
CA ARG C 124 -8.84 36.85 7.28
C ARG C 124 -9.48 35.74 8.11
N SER C 125 -8.72 34.68 8.34
CA SER C 125 -9.19 33.53 9.12
C SER C 125 -9.10 33.92 10.57
N PRO C 126 -9.68 33.11 11.46
CA PRO C 126 -9.60 33.47 12.88
C PRO C 126 -8.15 33.62 13.35
N PHE C 127 -7.22 33.11 12.54
CA PHE C 127 -5.80 33.17 12.88
C PHE C 127 -5.07 34.27 12.12
N GLY C 128 -5.86 35.18 11.56
CA GLY C 128 -5.31 36.30 10.81
C GLY C 128 -4.81 35.98 9.42
N ASN C 129 -5.06 34.76 8.96
CA ASN C 129 -4.60 34.37 7.63
C ASN C 129 -5.58 34.92 6.60
N PRO C 130 -5.10 35.75 5.67
CA PRO C 130 -5.96 36.34 4.62
C PRO C 130 -6.64 35.31 3.74
N ILE C 131 -7.97 35.34 3.74
CA ILE C 131 -8.80 34.44 2.92
C ILE C 131 -8.61 34.79 1.45
N PRO C 132 -8.04 33.87 0.66
CA PRO C 132 -7.78 34.10 -0.77
C PRO C 132 -8.88 33.80 -1.78
N GLY C 133 -8.55 34.10 -3.03
CA GLY C 133 -9.45 33.88 -4.15
C GLY C 133 -10.95 34.07 -3.92
N LEU C 134 -11.32 35.16 -3.28
CA LEU C 134 -12.74 35.40 -3.05
C LEU C 134 -13.36 35.96 -4.33
N ASP C 135 -12.51 36.30 -5.28
CA ASP C 135 -12.98 36.83 -6.55
C ASP C 135 -13.59 35.76 -7.45
N GLU C 136 -12.88 34.65 -7.72
CA GLU C 136 -13.49 33.63 -8.58
C GLU C 136 -14.73 33.18 -7.87
N LEU C 137 -14.71 33.16 -6.53
CA LEU C 137 -15.92 32.73 -5.84
C LEU C 137 -17.04 33.65 -6.32
N GLY C 138 -16.65 34.87 -6.71
CA GLY C 138 -17.62 35.83 -7.21
C GLY C 138 -18.24 36.60 -6.09
N VAL C 139 -17.40 37.19 -5.25
CA VAL C 139 -17.88 37.96 -4.11
C VAL C 139 -16.93 39.13 -3.91
N ILE C 164 0.52 41.65 16.51
CA ILE C 164 0.60 40.38 15.73
C ILE C 164 -0.31 40.35 14.50
N VAL C 165 0.27 40.04 13.34
CA VAL C 165 -0.49 40.00 12.08
C VAL C 165 -1.23 38.68 11.75
N GLN C 166 -0.58 37.56 11.99
CA GLN C 166 -1.18 36.25 11.71
C GLN C 166 -0.25 35.08 12.00
N ILE C 167 -0.84 33.97 12.44
CA ILE C 167 -0.11 32.76 12.76
C ILE C 167 -0.27 31.76 11.60
N ASN C 168 0.76 31.61 10.79
CA ASN C 168 0.73 30.71 9.63
C ASN C 168 0.01 29.39 9.89
N GLU C 169 -0.55 28.83 8.82
CA GLU C 169 -1.27 27.57 8.88
C GLU C 169 -0.40 26.47 9.49
N ILE C 170 0.89 26.50 9.19
CA ILE C 170 1.82 25.49 9.71
C ILE C 170 1.98 25.53 11.24
N PHE C 171 1.82 26.72 11.83
CA PHE C 171 1.94 26.85 13.28
C PHE C 171 0.68 26.32 13.95
N GLN C 172 -0.47 26.62 13.36
CA GLN C 172 -1.74 26.19 13.90
C GLN C 172 -1.76 24.68 14.15
N VAL C 173 -0.91 23.96 13.42
CA VAL C 173 -0.82 22.51 13.55
C VAL C 173 0.05 22.09 14.74
N GLU C 174 1.14 22.82 14.97
CA GLU C 174 2.05 22.53 16.07
C GLU C 174 1.28 22.72 17.38
N THR C 175 0.57 21.68 17.80
CA THR C 175 -0.25 21.72 19.02
C THR C 175 0.49 22.19 20.25
N ASP C 176 1.47 21.41 20.69
CA ASP C 176 2.25 21.76 21.87
C ASP C 176 2.75 23.21 21.86
N GLN C 177 3.51 23.58 20.83
CA GLN C 177 4.06 24.93 20.72
C GLN C 177 3.00 26.02 20.52
N PHE C 178 1.85 25.63 19.98
CA PHE C 178 0.76 26.57 19.74
C PHE C 178 -0.01 26.87 21.02
N THR C 179 -0.27 25.83 21.81
CA THR C 179 -1.00 26.01 23.06
C THR C 179 -0.14 26.79 24.04
N GLN C 180 1.18 26.73 23.85
CA GLN C 180 2.11 27.45 24.70
C GLN C 180 1.96 28.91 24.27
N LEU C 181 1.62 29.08 23.00
CA LEU C 181 1.42 30.39 22.40
C LEU C 181 0.05 30.93 22.85
N LEU C 182 -0.89 30.01 23.09
CA LEU C 182 -2.23 30.38 23.52
C LEU C 182 -2.21 30.64 25.02
N ASP C 183 -1.28 29.98 25.70
CA ASP C 183 -1.14 30.15 27.14
C ASP C 183 -0.71 31.60 27.36
N ALA C 184 -0.52 32.32 26.25
CA ALA C 184 -0.11 33.73 26.25
C ALA C 184 -1.03 34.63 25.42
N VAL C 210 7.22 33.25 25.32
CA VAL C 210 7.51 31.91 24.73
C VAL C 210 8.55 31.98 23.60
N GLU C 211 9.29 30.88 23.45
CA GLU C 211 10.33 30.76 22.42
C GLU C 211 9.86 29.75 21.39
N LEU C 212 9.96 30.10 20.12
CA LEU C 212 9.52 29.19 19.06
C LEU C 212 10.66 28.50 18.35
N LEU C 213 10.45 27.23 18.01
CA LEU C 213 11.46 26.43 17.33
C LEU C 213 11.98 27.20 16.13
N ASP C 214 13.29 27.14 15.90
CA ASP C 214 13.91 27.83 14.78
C ASP C 214 13.12 27.59 13.48
N ASP C 215 12.55 26.39 13.35
CA ASP C 215 11.78 26.06 12.15
C ASP C 215 10.47 26.86 12.11
N LEU C 216 9.81 26.96 13.26
CA LEU C 216 8.55 27.70 13.38
C LEU C 216 8.74 29.20 13.49
N ALA C 217 9.98 29.65 13.37
CA ALA C 217 10.33 31.06 13.47
C ALA C 217 9.61 31.91 12.41
N HIS C 218 9.88 31.61 11.15
CA HIS C 218 9.28 32.33 10.02
C HIS C 218 7.78 32.03 9.89
N THR C 219 7.20 31.46 10.93
CA THR C 219 5.79 31.10 10.91
C THR C 219 4.82 32.20 11.33
N ILE C 220 5.17 32.95 12.38
CA ILE C 220 4.30 34.02 12.83
C ILE C 220 4.73 35.39 12.30
N ARG C 221 3.92 35.95 11.41
CA ARG C 221 4.21 37.24 10.81
C ARG C 221 3.57 38.36 11.62
N ILE C 222 3.95 39.60 11.31
CA ILE C 222 3.39 40.77 11.98
C ILE C 222 4.03 42.02 11.39
N LYS D 1 -20.51 10.88 -7.32
CA LYS D 1 -19.80 9.57 -7.23
C LYS D 1 -18.48 9.66 -6.44
N ASP D 2 -18.60 9.53 -5.12
CA ASP D 2 -17.47 9.54 -4.21
C ASP D 2 -18.13 9.53 -2.85
N LEU D 3 -18.25 8.35 -2.28
CA LEU D 3 -18.91 8.22 -1.01
C LEU D 3 -18.19 8.93 0.14
N VAL D 4 -16.99 9.44 -0.14
CA VAL D 4 -16.17 10.12 0.87
C VAL D 4 -15.59 9.04 1.81
N ASP D 5 -16.48 8.29 2.44
CA ASP D 5 -16.13 7.16 3.31
C ASP D 5 -17.10 6.04 2.90
N THR D 6 -16.57 5.02 2.23
CA THR D 6 -17.38 3.88 1.77
C THR D 6 -18.09 3.17 2.90
N THR D 7 -17.31 2.69 3.85
CA THR D 7 -17.87 1.97 4.97
C THR D 7 -19.05 2.68 5.60
N GLU D 8 -18.88 3.98 5.87
CA GLU D 8 -19.95 4.76 6.49
C GLU D 8 -21.21 4.78 5.64
N MET D 9 -21.08 5.16 4.37
CA MET D 9 -22.23 5.21 3.50
C MET D 9 -22.91 3.85 3.39
N TYR D 10 -22.14 2.77 3.50
CA TYR D 10 -22.73 1.43 3.44
C TYR D 10 -23.59 1.22 4.69
N LEU D 11 -23.03 1.53 5.85
CA LEU D 11 -23.76 1.36 7.09
C LEU D 11 -24.96 2.30 7.17
N ARG D 12 -24.76 3.55 6.77
CA ARG D 12 -25.86 4.51 6.82
C ARG D 12 -26.99 3.97 5.95
N THR D 13 -26.60 3.36 4.83
CA THR D 13 -27.59 2.81 3.91
C THR D 13 -28.39 1.65 4.56
N ILE D 14 -27.70 0.71 5.19
CA ILE D 14 -28.39 -0.39 5.84
C ILE D 14 -29.36 0.26 6.81
N TYR D 15 -28.86 1.24 7.54
CA TYR D 15 -29.67 1.97 8.51
C TYR D 15 -30.94 2.44 7.82
N GLU D 16 -30.73 3.22 6.76
CA GLU D 16 -31.81 3.76 5.96
C GLU D 16 -32.82 2.69 5.58
N LEU D 17 -32.32 1.60 5.01
CA LEU D 17 -33.18 0.50 4.59
C LEU D 17 -34.08 0.03 5.72
N GLU D 18 -33.49 -0.10 6.91
CA GLU D 18 -34.22 -0.52 8.10
C GLU D 18 -35.32 0.49 8.39
N GLU D 19 -34.96 1.77 8.28
CA GLU D 19 -35.91 2.86 8.51
C GLU D 19 -37.11 2.71 7.56
N GLU D 20 -36.85 2.57 6.27
CA GLU D 20 -37.90 2.41 5.27
C GLU D 20 -38.60 1.08 5.39
N GLY D 21 -38.12 0.23 6.29
CA GLY D 21 -38.73 -1.07 6.48
C GLY D 21 -38.38 -2.09 5.42
N VAL D 22 -37.29 -1.84 4.72
CA VAL D 22 -36.83 -2.74 3.66
C VAL D 22 -35.76 -3.67 4.23
N THR D 23 -35.66 -4.87 3.66
CA THR D 23 -34.67 -5.82 4.14
C THR D 23 -33.28 -5.51 3.59
N PRO D 24 -32.33 -5.20 4.48
CA PRO D 24 -30.97 -4.88 4.04
C PRO D 24 -30.32 -6.05 3.30
N LEU D 25 -30.16 -5.89 2.01
CA LEU D 25 -29.55 -6.91 1.17
C LEU D 25 -28.43 -6.29 0.37
N ARG D 26 -27.39 -7.05 0.10
CA ARG D 26 -26.28 -6.54 -0.68
C ARG D 26 -26.82 -5.86 -1.94
N ALA D 27 -27.83 -6.48 -2.55
CA ALA D 27 -28.46 -5.95 -3.75
C ALA D 27 -28.96 -4.52 -3.56
N ARG D 28 -29.59 -4.25 -2.41
CA ARG D 28 -30.08 -2.90 -2.13
C ARG D 28 -28.92 -1.91 -2.25
N ILE D 29 -27.93 -2.08 -1.37
CA ILE D 29 -26.75 -1.25 -1.36
C ILE D 29 -26.23 -1.04 -2.78
N ALA D 30 -26.19 -2.11 -3.55
CA ALA D 30 -25.69 -2.00 -4.90
C ALA D 30 -26.46 -0.94 -5.67
N GLU D 31 -27.74 -1.18 -5.89
CA GLU D 31 -28.54 -0.24 -6.65
C GLU D 31 -28.55 1.15 -6.03
N ARG D 32 -28.83 1.20 -4.74
CA ARG D 32 -28.85 2.48 -4.04
C ARG D 32 -27.56 3.31 -4.19
N LEU D 33 -26.39 2.67 -4.13
CA LEU D 33 -25.13 3.41 -4.25
C LEU D 33 -24.53 3.24 -5.63
N GLU D 34 -25.31 2.72 -6.56
CA GLU D 34 -24.81 2.52 -7.91
C GLU D 34 -23.39 1.95 -7.97
N GLN D 35 -23.25 0.76 -7.41
CA GLN D 35 -21.99 0.04 -7.39
C GLN D 35 -22.22 -1.39 -7.88
N SER D 36 -21.23 -1.94 -8.58
CA SER D 36 -21.29 -3.30 -9.12
C SER D 36 -21.58 -4.35 -8.06
N GLY D 37 -22.20 -5.46 -8.47
CA GLY D 37 -22.52 -6.53 -7.54
C GLY D 37 -21.27 -7.01 -6.80
N PRO D 38 -20.27 -7.54 -7.53
CA PRO D 38 -19.02 -8.01 -6.96
C PRO D 38 -18.47 -6.99 -5.97
N THR D 39 -18.41 -5.75 -6.42
CA THR D 39 -17.90 -4.68 -5.60
C THR D 39 -18.53 -4.64 -4.22
N VAL D 40 -19.84 -4.45 -4.14
CA VAL D 40 -20.45 -4.34 -2.82
C VAL D 40 -20.28 -5.57 -1.98
N SER D 41 -20.34 -6.74 -2.61
CA SER D 41 -20.20 -7.99 -1.86
C SER D 41 -18.86 -8.08 -1.16
N GLN D 42 -17.82 -7.61 -1.85
CA GLN D 42 -16.45 -7.59 -1.32
C GLN D 42 -16.25 -6.53 -0.23
N THR D 43 -16.68 -5.30 -0.50
CA THR D 43 -16.58 -4.24 0.48
C THR D 43 -17.34 -4.69 1.74
N VAL D 44 -18.43 -5.43 1.56
CA VAL D 44 -19.18 -5.89 2.73
C VAL D 44 -18.37 -6.92 3.50
N ALA D 45 -17.72 -7.81 2.75
CA ALA D 45 -16.89 -8.84 3.34
C ALA D 45 -15.92 -8.15 4.31
N ARG D 46 -15.17 -7.19 3.76
CA ARG D 46 -14.21 -6.38 4.52
C ARG D 46 -14.87 -5.93 5.83
N MET D 47 -16.08 -5.38 5.72
CA MET D 47 -16.82 -4.89 6.86
C MET D 47 -17.07 -5.97 7.88
N GLU D 48 -17.55 -7.11 7.39
CA GLU D 48 -17.83 -8.24 8.24
C GLU D 48 -16.54 -8.63 8.95
N ARG D 49 -15.46 -8.61 8.19
CA ARG D 49 -14.15 -8.95 8.73
C ARG D 49 -13.77 -8.02 9.86
N ASP D 50 -14.33 -6.81 9.83
CA ASP D 50 -14.06 -5.84 10.89
C ASP D 50 -15.25 -5.79 11.86
N GLY D 51 -15.95 -6.91 11.94
CA GLY D 51 -17.08 -7.03 12.83
C GLY D 51 -17.98 -5.82 12.86
N LEU D 52 -18.25 -5.28 11.68
CA LEU D 52 -19.12 -4.11 11.56
C LEU D 52 -20.50 -4.56 11.22
N VAL D 53 -20.59 -5.71 10.58
CA VAL D 53 -21.86 -6.25 10.17
C VAL D 53 -21.65 -7.71 9.82
N VAL D 54 -22.75 -8.46 9.79
CA VAL D 54 -22.70 -9.86 9.44
C VAL D 54 -23.80 -10.24 8.47
N VAL D 55 -23.43 -11.04 7.48
CA VAL D 55 -24.38 -11.48 6.49
C VAL D 55 -25.11 -12.69 7.06
N ALA D 56 -26.37 -12.48 7.42
CA ALA D 56 -27.22 -13.53 7.99
C ALA D 56 -27.28 -14.78 7.13
N SER D 57 -27.92 -15.81 7.69
CA SER D 57 -28.09 -17.09 7.01
C SER D 57 -28.98 -16.88 5.80
N ASP D 58 -29.84 -15.86 5.90
CA ASP D 58 -30.78 -15.53 4.83
C ASP D 58 -30.27 -14.42 3.92
N ARG D 59 -28.96 -14.18 3.91
CA ARG D 59 -28.34 -13.16 3.09
C ARG D 59 -28.62 -11.70 3.53
N SER D 60 -29.40 -11.54 4.60
CA SER D 60 -29.73 -10.22 5.12
C SER D 60 -28.56 -9.65 5.93
N LEU D 61 -28.42 -8.32 5.96
CA LEU D 61 -27.31 -7.71 6.66
C LEU D 61 -27.65 -7.21 8.05
N GLN D 62 -27.02 -7.82 9.05
CA GLN D 62 -27.26 -7.41 10.42
C GLN D 62 -26.02 -6.73 10.96
N MET D 63 -26.17 -5.44 11.20
CA MET D 63 -25.08 -4.67 11.73
C MET D 63 -24.78 -5.16 13.12
N THR D 64 -23.50 -5.35 13.38
CA THR D 64 -23.05 -5.76 14.70
C THR D 64 -23.40 -4.56 15.57
N PRO D 65 -23.39 -4.70 16.89
CA PRO D 65 -23.72 -3.56 17.74
C PRO D 65 -22.83 -2.38 17.42
N THR D 66 -21.56 -2.68 17.22
CA THR D 66 -20.56 -1.68 16.90
C THR D 66 -20.82 -1.03 15.53
N GLY D 67 -21.18 -1.86 14.55
CA GLY D 67 -21.47 -1.35 13.22
C GLY D 67 -22.71 -0.49 13.30
N ARG D 68 -23.70 -0.96 14.06
CA ARG D 68 -24.95 -0.26 14.27
C ARG D 68 -24.73 1.11 14.89
N THR D 69 -23.90 1.14 15.92
CA THR D 69 -23.59 2.37 16.62
C THR D 69 -23.04 3.43 15.65
N LEU D 70 -22.13 3.00 14.78
CA LEU D 70 -21.54 3.91 13.81
C LEU D 70 -22.60 4.37 12.81
N ALA D 71 -23.33 3.42 12.23
CA ALA D 71 -24.38 3.76 11.27
C ALA D 71 -25.19 4.90 11.86
N THR D 72 -25.68 4.71 13.07
CA THR D 72 -26.47 5.73 13.75
C THR D 72 -25.80 7.10 13.87
N ALA D 73 -24.55 7.13 14.29
CA ALA D 73 -23.85 8.39 14.42
C ALA D 73 -23.77 9.13 13.09
N VAL D 74 -23.65 8.39 12.00
CA VAL D 74 -23.57 9.00 10.67
C VAL D 74 -24.91 9.62 10.32
N MET D 75 -26.00 8.87 10.52
CA MET D 75 -27.32 9.41 10.23
C MET D 75 -27.52 10.68 11.05
N ARG D 76 -27.16 10.64 12.33
CA ARG D 76 -27.28 11.81 13.21
C ARG D 76 -26.48 12.99 12.63
N LYS D 77 -25.22 12.74 12.31
CA LYS D 77 -24.35 13.77 11.73
C LYS D 77 -25.01 14.36 10.49
N HIS D 78 -25.56 13.51 9.64
CA HIS D 78 -26.22 13.94 8.41
C HIS D 78 -27.32 14.95 8.68
N ARG D 79 -28.36 14.53 9.40
CA ARG D 79 -29.49 15.39 9.75
C ARG D 79 -29.09 16.65 10.50
N LEU D 80 -28.12 16.54 11.40
CA LEU D 80 -27.66 17.72 12.13
C LEU D 80 -27.06 18.71 11.14
N ALA D 81 -26.22 18.20 10.23
CA ALA D 81 -25.60 19.04 9.21
C ALA D 81 -26.66 19.73 8.37
N GLU D 82 -27.64 18.95 7.92
CA GLU D 82 -28.74 19.45 7.10
C GLU D 82 -29.35 20.65 7.80
N ARG D 83 -29.71 20.48 9.08
CA ARG D 83 -30.30 21.55 9.88
C ARG D 83 -29.41 22.79 9.89
N LEU D 84 -28.14 22.59 10.19
CA LEU D 84 -27.22 23.72 10.20
C LEU D 84 -27.20 24.36 8.83
N LEU D 85 -27.02 23.52 7.81
CA LEU D 85 -26.94 24.00 6.44
C LEU D 85 -28.09 24.92 6.07
N THR D 86 -29.30 24.56 6.46
CA THR D 86 -30.47 25.35 6.13
C THR D 86 -30.78 26.46 7.15
N ASP D 87 -30.95 26.09 8.42
CA ASP D 87 -31.26 27.05 9.47
C ASP D 87 -30.23 28.16 9.62
N ILE D 88 -28.95 27.80 9.63
CA ILE D 88 -27.89 28.79 9.81
C ILE D 88 -27.25 29.30 8.52
N ILE D 89 -26.65 28.41 7.74
CA ILE D 89 -26.00 28.81 6.49
C ILE D 89 -27.00 29.30 5.46
N GLY D 90 -28.20 28.73 5.49
CA GLY D 90 -29.23 29.12 4.55
C GLY D 90 -28.94 28.69 3.12
N LEU D 91 -28.31 27.53 2.97
CA LEU D 91 -27.97 27.02 1.65
C LEU D 91 -29.23 26.52 0.97
N ASP D 92 -29.23 26.59 -0.34
CA ASP D 92 -30.37 26.14 -1.14
C ASP D 92 -30.87 24.78 -0.65
N ILE D 93 -32.18 24.67 -0.42
CA ILE D 93 -32.79 23.44 0.05
C ILE D 93 -32.54 22.16 -0.75
N ASN D 94 -32.28 22.26 -2.04
CA ASN D 94 -32.04 21.04 -2.82
C ASN D 94 -30.62 20.55 -2.59
N LYS D 95 -29.68 21.50 -2.63
CA LYS D 95 -28.26 21.20 -2.43
C LYS D 95 -27.96 20.71 -1.01
N VAL D 96 -28.85 21.04 -0.08
CA VAL D 96 -28.69 20.67 1.30
C VAL D 96 -28.41 19.18 1.55
N HIS D 97 -29.22 18.28 1.01
CA HIS D 97 -28.95 16.88 1.27
C HIS D 97 -27.59 16.41 0.78
N ASP D 98 -27.20 16.82 -0.42
CA ASP D 98 -25.90 16.42 -0.97
C ASP D 98 -24.71 16.91 -0.16
N GLU D 99 -24.72 18.18 0.19
CA GLU D 99 -23.66 18.76 1.01
C GLU D 99 -23.53 17.89 2.26
N ALA D 100 -24.66 17.64 2.91
CA ALA D 100 -24.67 16.81 4.12
C ALA D 100 -24.11 15.40 3.89
N CYS D 101 -24.52 14.75 2.80
CA CYS D 101 -24.05 13.40 2.46
C CYS D 101 -22.52 13.38 2.44
N ARG D 102 -21.94 14.57 2.39
CA ARG D 102 -20.49 14.72 2.36
C ARG D 102 -19.99 15.03 3.76
N TRP D 103 -20.59 16.04 4.37
CA TRP D 103 -20.20 16.47 5.70
C TRP D 103 -20.37 15.40 6.77
N GLU D 104 -21.39 14.57 6.62
CA GLU D 104 -21.65 13.51 7.59
C GLU D 104 -20.36 12.75 7.89
N HIS D 105 -19.54 12.57 6.87
CA HIS D 105 -18.30 11.83 7.04
C HIS D 105 -17.09 12.58 7.59
N VAL D 106 -17.23 13.89 7.83
CA VAL D 106 -16.10 14.69 8.33
C VAL D 106 -16.47 15.62 9.47
N MET D 107 -17.63 15.40 10.07
CA MET D 107 -18.04 16.26 11.19
C MET D 107 -17.75 15.57 12.52
N SER D 108 -17.01 16.27 13.39
CA SER D 108 -16.65 15.73 14.69
C SER D 108 -17.83 15.65 15.66
N ASP D 109 -17.65 14.88 16.74
CA ASP D 109 -18.69 14.73 17.76
C ASP D 109 -18.88 16.06 18.47
N GLU D 110 -17.78 16.80 18.64
CA GLU D 110 -17.80 18.10 19.33
C GLU D 110 -18.69 19.05 18.54
N VAL D 111 -18.29 19.32 17.29
CA VAL D 111 -19.06 20.20 16.43
C VAL D 111 -20.52 19.83 16.56
N GLU D 112 -20.82 18.54 16.50
CA GLU D 112 -22.21 18.09 16.64
C GLU D 112 -22.84 18.69 17.89
N ARG D 113 -22.19 18.48 19.04
CA ARG D 113 -22.70 18.99 20.30
C ARG D 113 -22.91 20.50 20.29
N ARG D 114 -21.94 21.22 19.70
CA ARG D 114 -22.02 22.68 19.59
C ARG D 114 -23.30 23.02 18.83
N LEU D 115 -23.53 22.29 17.76
CA LEU D 115 -24.69 22.47 16.90
C LEU D 115 -25.96 22.35 17.71
N VAL D 116 -26.02 21.29 18.50
CA VAL D 116 -27.19 21.05 19.33
C VAL D 116 -27.51 22.33 20.09
N LYS D 117 -26.47 22.97 20.64
CA LYS D 117 -26.63 24.22 21.39
C LYS D 117 -27.12 25.35 20.50
N VAL D 118 -26.33 25.64 19.46
CA VAL D 118 -26.63 26.70 18.51
C VAL D 118 -27.95 26.55 17.75
N LEU D 119 -28.43 25.31 17.62
CA LEU D 119 -29.67 25.05 16.90
C LEU D 119 -30.88 25.08 17.81
N LYS D 120 -32.01 25.53 17.26
CA LYS D 120 -33.24 25.59 18.02
C LYS D 120 -33.57 24.16 18.45
N ASP D 121 -34.57 23.56 17.82
CA ASP D 121 -34.93 22.19 18.15
C ASP D 121 -34.07 21.30 17.25
N VAL D 122 -33.75 20.11 17.73
CA VAL D 122 -32.97 19.16 16.94
C VAL D 122 -33.72 17.83 16.89
N SER D 123 -35.03 17.92 16.91
CA SER D 123 -35.90 16.76 16.86
C SER D 123 -35.76 16.04 15.53
N ARG D 124 -35.96 16.77 14.44
CA ARG D 124 -35.86 16.20 13.11
C ARG D 124 -35.04 17.05 12.14
N SER D 125 -34.72 16.43 11.00
CA SER D 125 -33.94 17.07 9.97
C SER D 125 -34.87 17.99 9.23
N PRO D 126 -34.33 18.84 8.36
CA PRO D 126 -35.19 19.75 7.61
C PRO D 126 -36.31 19.00 6.86
N PHE D 127 -36.11 17.72 6.62
CA PHE D 127 -37.09 16.94 5.86
C PHE D 127 -37.98 16.10 6.75
N GLY D 128 -38.01 16.43 8.03
CA GLY D 128 -38.85 15.70 8.96
C GLY D 128 -38.28 14.38 9.47
N ASN D 129 -37.07 14.04 9.04
CA ASN D 129 -36.45 12.80 9.48
C ASN D 129 -35.89 13.00 10.89
N PRO D 130 -36.38 12.22 11.86
CA PRO D 130 -35.93 12.33 13.25
C PRO D 130 -34.43 12.09 13.43
N ILE D 131 -33.78 13.03 14.11
CA ILE D 131 -32.35 12.96 14.41
C ILE D 131 -32.10 11.88 15.48
N PRO D 132 -31.35 10.80 15.14
CA PRO D 132 -31.10 9.72 16.09
C PRO D 132 -29.87 9.80 16.98
N GLY D 133 -29.78 8.82 17.86
CA GLY D 133 -28.67 8.72 18.78
C GLY D 133 -28.17 10.02 19.34
N LEU D 134 -29.08 10.89 19.77
CA LEU D 134 -28.64 12.14 20.36
C LEU D 134 -28.11 11.82 21.76
N ASP D 135 -28.40 10.60 22.20
CA ASP D 135 -27.95 10.12 23.51
C ASP D 135 -26.45 9.86 23.46
N GLU D 136 -26.00 9.04 22.50
CA GLU D 136 -24.59 8.74 22.35
C GLU D 136 -23.87 10.08 22.25
N LEU D 137 -24.45 11.01 21.50
CA LEU D 137 -23.82 12.31 21.35
C LEU D 137 -23.56 12.83 22.73
N GLY D 138 -24.44 12.44 23.64
CA GLY D 138 -24.31 12.88 25.01
C GLY D 138 -24.98 14.23 25.17
N VAL D 139 -26.25 14.27 24.83
CA VAL D 139 -27.04 15.49 24.93
C VAL D 139 -28.49 15.10 25.22
N ALA D 146 -43.33 11.20 17.12
CA ALA D 146 -44.51 10.58 16.45
C ALA D 146 -44.22 10.30 14.97
N PRO D 147 -44.76 9.18 14.42
CA PRO D 147 -44.56 8.80 13.02
C PRO D 147 -45.71 9.12 12.07
N GLY D 148 -45.37 9.52 10.85
CA GLY D 148 -46.40 9.83 9.89
C GLY D 148 -46.63 8.64 8.96
N THR D 149 -47.81 8.62 8.34
CA THR D 149 -48.20 7.58 7.40
C THR D 149 -47.48 7.61 6.04
N ARG D 150 -46.90 6.49 5.63
CA ARG D 150 -46.24 6.47 4.33
C ARG D 150 -47.34 6.93 3.40
N VAL D 151 -46.98 7.61 2.32
CA VAL D 151 -47.97 8.10 1.39
C VAL D 151 -48.70 6.94 0.74
N ILE D 152 -47.91 5.97 0.32
CA ILE D 152 -48.45 4.80 -0.33
C ILE D 152 -49.61 4.21 0.47
N ASP D 153 -49.67 4.54 1.76
CA ASP D 153 -50.73 4.03 2.64
C ASP D 153 -51.92 4.97 2.80
N ALA D 154 -51.70 6.27 2.61
CA ALA D 154 -52.76 7.25 2.78
C ALA D 154 -53.62 7.54 1.54
N ALA D 155 -53.09 7.26 0.35
CA ALA D 155 -53.82 7.51 -0.89
C ALA D 155 -55.10 6.69 -1.00
N THR D 156 -56.04 7.18 -1.80
CA THR D 156 -57.32 6.51 -2.02
C THR D 156 -57.75 6.76 -3.46
N SER D 157 -58.90 6.20 -3.85
CA SER D 157 -59.41 6.43 -5.19
C SER D 157 -59.80 7.90 -5.17
N MET D 158 -60.62 8.28 -4.19
CA MET D 158 -61.04 9.67 -4.03
C MET D 158 -59.89 10.34 -3.26
N PRO D 159 -59.39 11.47 -3.79
CA PRO D 159 -58.29 12.25 -3.20
C PRO D 159 -58.65 12.94 -1.91
N ARG D 160 -57.64 13.40 -1.17
CA ARG D 160 -57.86 14.10 0.09
C ARG D 160 -56.67 14.99 0.40
N LYS D 161 -56.95 16.11 1.07
CA LYS D 161 -55.91 17.05 1.46
C LYS D 161 -55.22 16.42 2.66
N VAL D 162 -53.93 16.71 2.81
CA VAL D 162 -53.17 16.15 3.91
C VAL D 162 -51.84 16.88 4.04
N ARG D 163 -51.26 16.84 5.24
CA ARG D 163 -49.99 17.53 5.51
C ARG D 163 -48.71 16.72 5.38
N ILE D 164 -47.78 17.21 4.58
CA ILE D 164 -46.52 16.53 4.40
C ILE D 164 -45.79 16.55 5.73
N VAL D 165 -45.41 15.37 6.23
CA VAL D 165 -44.72 15.28 7.51
C VAL D 165 -43.28 14.81 7.39
N GLN D 166 -43.04 13.90 6.45
CA GLN D 166 -41.71 13.38 6.29
C GLN D 166 -41.31 13.00 4.87
N ILE D 167 -40.05 13.27 4.54
CA ILE D 167 -39.46 12.94 3.25
C ILE D 167 -38.20 12.17 3.56
N ASN D 168 -38.19 10.89 3.20
CA ASN D 168 -37.04 10.02 3.49
C ASN D 168 -35.75 10.38 2.77
N GLU D 169 -34.63 10.03 3.39
CA GLU D 169 -33.33 10.34 2.82
C GLU D 169 -33.20 9.73 1.44
N ILE D 170 -33.90 8.64 1.18
CA ILE D 170 -33.83 7.97 -0.12
C ILE D 170 -34.52 8.78 -1.22
N PHE D 171 -35.54 9.54 -0.84
CA PHE D 171 -36.25 10.34 -1.81
C PHE D 171 -35.37 11.52 -2.17
N GLN D 172 -34.77 12.11 -1.16
CA GLN D 172 -33.90 13.26 -1.36
C GLN D 172 -32.87 13.00 -2.43
N VAL D 173 -32.57 11.74 -2.70
CA VAL D 173 -31.58 11.42 -3.72
C VAL D 173 -32.20 11.34 -5.11
N GLU D 174 -33.46 10.88 -5.19
CA GLU D 174 -34.17 10.77 -6.46
C GLU D 174 -34.32 12.15 -7.06
N THR D 175 -33.31 12.63 -7.77
CA THR D 175 -33.33 13.96 -8.36
C THR D 175 -34.57 14.37 -9.15
N ASP D 176 -34.74 13.88 -10.36
CA ASP D 176 -35.90 14.24 -11.18
C ASP D 176 -37.16 14.22 -10.33
N GLN D 177 -37.20 13.24 -9.44
CA GLN D 177 -38.33 13.03 -8.56
C GLN D 177 -38.38 14.05 -7.41
N PHE D 178 -37.21 14.35 -6.85
CA PHE D 178 -37.12 15.28 -5.73
C PHE D 178 -37.27 16.72 -6.21
N THR D 179 -36.47 17.11 -7.20
CA THR D 179 -36.53 18.47 -7.74
C THR D 179 -37.97 18.78 -8.14
N GLN D 180 -38.64 17.78 -8.72
CA GLN D 180 -40.04 17.91 -9.15
C GLN D 180 -40.97 18.36 -8.02
N LEU D 181 -40.95 17.60 -6.94
CA LEU D 181 -41.76 17.92 -5.80
C LEU D 181 -41.30 19.28 -5.27
N LEU D 182 -40.00 19.43 -5.08
CA LEU D 182 -39.46 20.68 -4.58
C LEU D 182 -39.94 21.86 -5.38
N ASP D 183 -40.24 21.64 -6.66
CA ASP D 183 -40.70 22.70 -7.53
C ASP D 183 -42.18 22.98 -7.33
N ALA D 184 -42.97 21.93 -7.09
CA ALA D 184 -44.40 22.11 -6.86
C ALA D 184 -44.50 22.97 -5.60
N ASP D 185 -43.33 23.37 -5.11
CA ASP D 185 -43.17 24.20 -3.93
C ASP D 185 -43.65 23.45 -2.71
N ILE D 186 -43.47 22.14 -2.77
CA ILE D 186 -43.84 21.30 -1.67
C ILE D 186 -42.67 21.30 -0.72
N ARG D 187 -42.99 21.52 0.54
CA ARG D 187 -42.00 21.56 1.60
C ARG D 187 -42.68 20.87 2.77
N VAL D 188 -41.91 20.49 3.78
CA VAL D 188 -42.51 19.82 4.93
C VAL D 188 -43.50 20.82 5.53
N GLY D 189 -44.73 20.39 5.72
CA GLY D 189 -45.75 21.27 6.27
C GLY D 189 -46.79 21.67 5.24
N SER D 190 -46.47 21.45 3.97
CA SER D 190 -47.37 21.78 2.90
C SER D 190 -48.67 21.02 3.01
N GLU D 191 -49.73 21.64 2.50
CA GLU D 191 -51.04 21.04 2.50
C GLU D 191 -51.10 20.50 1.09
N VAL D 192 -51.08 19.19 0.95
CA VAL D 192 -51.08 18.56 -0.36
C VAL D 192 -52.27 17.63 -0.60
N GLU D 193 -52.56 17.34 -1.87
CA GLU D 193 -53.67 16.46 -2.24
C GLU D 193 -53.09 15.16 -2.78
N ILE D 194 -53.74 14.04 -2.47
CA ILE D 194 -53.21 12.75 -2.93
C ILE D 194 -54.23 11.70 -3.35
N VAL D 195 -53.97 11.11 -4.51
CA VAL D 195 -54.86 10.09 -5.06
C VAL D 195 -54.15 8.91 -5.64
N ASP D 196 -54.90 7.81 -5.73
CA ASP D 196 -54.42 6.58 -6.32
C ASP D 196 -55.16 6.48 -7.63
N ARG D 197 -54.81 7.38 -8.54
CA ARG D 197 -55.43 7.42 -9.85
C ARG D 197 -54.82 6.40 -10.79
N ASP D 198 -55.65 5.44 -11.21
CA ASP D 198 -55.22 4.40 -12.12
C ASP D 198 -53.77 3.94 -11.92
N GLY D 199 -53.56 3.14 -10.88
CA GLY D 199 -52.24 2.61 -10.60
C GLY D 199 -51.26 3.41 -9.76
N HIS D 200 -51.03 4.66 -10.11
CA HIS D 200 -50.08 5.50 -9.38
C HIS D 200 -50.62 6.57 -8.42
N ILE D 201 -49.75 6.99 -7.51
CA ILE D 201 -50.04 8.00 -6.50
C ILE D 201 -49.43 9.32 -6.96
N THR D 202 -50.14 10.41 -6.71
CA THR D 202 -49.67 11.73 -7.11
C THR D 202 -50.01 12.76 -6.07
N LEU D 203 -49.18 13.80 -5.99
CA LEU D 203 -49.40 14.90 -5.06
C LEU D 203 -49.55 16.14 -5.90
N SER D 204 -50.20 17.15 -5.34
CA SER D 204 -50.39 18.40 -6.05
C SER D 204 -50.33 19.51 -5.03
N HIS D 205 -49.34 20.40 -5.15
CA HIS D 205 -49.33 21.47 -4.17
C HIS D 205 -49.86 22.74 -4.81
N ASN D 206 -49.12 23.29 -5.75
CA ASN D 206 -49.61 24.51 -6.36
C ASN D 206 -50.18 24.24 -7.73
N GLY D 207 -51.26 23.46 -7.77
CA GLY D 207 -51.86 23.11 -9.04
C GLY D 207 -50.91 22.24 -9.83
N LYS D 208 -49.68 22.15 -9.34
CA LYS D 208 -48.66 21.34 -9.96
C LYS D 208 -48.91 19.92 -9.48
N ASP D 209 -48.69 18.95 -10.35
CA ASP D 209 -48.87 17.55 -9.98
C ASP D 209 -47.53 16.84 -10.09
N VAL D 210 -47.27 15.98 -9.12
CA VAL D 210 -46.03 15.23 -9.10
C VAL D 210 -46.42 13.76 -8.93
N GLU D 211 -46.07 12.95 -9.92
CA GLU D 211 -46.41 11.52 -9.88
C GLU D 211 -45.27 10.71 -9.30
N LEU D 212 -45.50 10.19 -8.11
CA LEU D 212 -44.50 9.41 -7.39
C LEU D 212 -44.21 8.03 -8.00
N LEU D 213 -42.93 7.70 -8.10
CA LEU D 213 -42.56 6.40 -8.63
C LEU D 213 -43.11 5.39 -7.63
N ASP D 214 -43.70 4.30 -8.11
CA ASP D 214 -44.27 3.28 -7.23
C ASP D 214 -43.30 2.96 -6.10
N ASP D 215 -42.02 2.83 -6.45
CA ASP D 215 -40.96 2.52 -5.49
C ASP D 215 -40.78 3.60 -4.43
N LEU D 216 -41.11 4.84 -4.76
CA LEU D 216 -40.97 5.94 -3.80
C LEU D 216 -42.20 6.21 -2.96
N ALA D 217 -43.36 5.74 -3.41
CA ALA D 217 -44.61 5.99 -2.68
C ALA D 217 -44.48 5.73 -1.17
N HIS D 218 -43.62 4.78 -0.83
CA HIS D 218 -43.41 4.43 0.57
C HIS D 218 -42.53 5.42 1.32
N THR D 219 -41.70 6.15 0.57
CA THR D 219 -40.76 7.10 1.15
C THR D 219 -41.26 8.48 1.57
N ILE D 220 -42.57 8.64 1.75
CA ILE D 220 -43.09 9.94 2.18
C ILE D 220 -44.19 9.81 3.25
N ARG D 221 -43.86 10.20 4.48
CA ARG D 221 -44.81 10.10 5.57
C ARG D 221 -45.80 11.27 5.56
N ILE D 222 -47.03 10.99 5.94
CA ILE D 222 -48.07 11.99 5.91
C ILE D 222 -48.85 12.17 7.20
N GLU D 223 -49.49 13.33 7.33
CA GLU D 223 -50.29 13.62 8.51
C GLU D 223 -51.75 13.72 8.16
N GLU D 224 -52.53 14.45 8.95
CA GLU D 224 -53.94 14.57 8.67
C GLU D 224 -54.54 15.96 8.83
N LEU D 225 -53.73 17.00 8.67
CA LEU D 225 -54.19 18.38 8.78
C LEU D 225 -54.86 18.71 10.12
N LYS E 1 9.55 -17.00 1.49
CA LYS E 1 9.14 -15.70 0.87
C LYS E 1 10.33 -14.77 0.58
N ASP E 2 10.92 -14.96 -0.60
CA ASP E 2 12.04 -14.17 -1.08
C ASP E 2 12.44 -14.81 -2.39
N LEU E 3 11.88 -14.31 -3.47
CA LEU E 3 12.17 -14.86 -4.78
C LEU E 3 13.64 -14.80 -5.17
N VAL E 4 14.45 -14.13 -4.35
CA VAL E 4 15.88 -13.96 -4.63
C VAL E 4 15.99 -13.00 -5.81
N ASP E 5 15.40 -13.37 -6.95
CA ASP E 5 15.34 -12.51 -8.12
C ASP E 5 13.90 -12.61 -8.62
N THR E 6 13.13 -11.54 -8.40
CA THR E 6 11.73 -11.49 -8.80
C THR E 6 11.49 -11.74 -10.27
N THR E 7 12.15 -10.95 -11.12
CA THR E 7 11.97 -11.09 -12.55
C THR E 7 12.18 -12.52 -13.04
N GLU E 8 13.22 -13.17 -12.50
CA GLU E 8 13.53 -14.53 -12.90
C GLU E 8 12.42 -15.49 -12.51
N MET E 9 11.98 -15.43 -11.25
CA MET E 9 10.91 -16.31 -10.80
C MET E 9 9.60 -16.08 -11.57
N TYR E 10 9.41 -14.87 -12.09
CA TYR E 10 8.20 -14.60 -12.86
C TYR E 10 8.30 -15.30 -14.19
N LEU E 11 9.45 -15.17 -14.85
CA LEU E 11 9.67 -15.79 -16.16
C LEU E 11 9.72 -17.29 -16.04
N ARG E 12 10.34 -17.80 -14.98
CA ARG E 12 10.40 -19.25 -14.81
C ARG E 12 8.97 -19.72 -14.65
N THR E 13 8.15 -18.93 -13.95
CA THR E 13 6.75 -19.30 -13.74
C THR E 13 6.00 -19.36 -15.06
N ILE E 14 6.13 -18.34 -15.89
CA ILE E 14 5.45 -18.36 -17.17
C ILE E 14 5.89 -19.64 -17.87
N TYR E 15 7.19 -19.87 -17.91
CA TYR E 15 7.73 -21.07 -18.55
C TYR E 15 7.00 -22.31 -18.03
N GLU E 16 7.01 -22.45 -16.71
CA GLU E 16 6.36 -23.56 -16.03
C GLU E 16 4.93 -23.75 -16.47
N LEU E 17 4.16 -22.67 -16.42
CA LEU E 17 2.76 -22.70 -16.81
C LEU E 17 2.66 -23.30 -18.20
N GLU E 18 3.52 -22.83 -19.09
CA GLU E 18 3.56 -23.29 -20.48
C GLU E 18 3.78 -24.80 -20.46
N GLU E 19 4.71 -25.22 -19.61
CA GLU E 19 5.05 -26.63 -19.46
C GLU E 19 3.78 -27.39 -19.10
N GLU E 20 3.11 -26.98 -18.02
CA GLU E 20 1.88 -27.61 -17.55
C GLU E 20 0.70 -27.43 -18.51
N GLY E 21 0.91 -26.70 -19.60
CA GLY E 21 -0.15 -26.48 -20.57
C GLY E 21 -1.21 -25.47 -20.14
N VAL E 22 -0.90 -24.70 -19.10
CA VAL E 22 -1.83 -23.69 -18.59
C VAL E 22 -1.55 -22.37 -19.31
N THR E 23 -2.55 -21.48 -19.36
CA THR E 23 -2.34 -20.20 -20.01
C THR E 23 -1.69 -19.21 -19.05
N PRO E 24 -0.52 -18.66 -19.43
CA PRO E 24 0.19 -17.71 -18.58
C PRO E 24 -0.64 -16.45 -18.39
N LEU E 25 -1.14 -16.25 -17.18
CA LEU E 25 -1.94 -15.08 -16.85
C LEU E 25 -1.38 -14.44 -15.61
N ARG E 26 -1.48 -13.12 -15.54
CA ARG E 26 -0.99 -12.41 -14.37
C ARG E 26 -1.55 -13.09 -13.12
N ALA E 27 -2.79 -13.52 -13.20
CA ALA E 27 -3.48 -14.18 -12.10
C ALA E 27 -2.72 -15.41 -11.64
N ARG E 28 -2.22 -16.18 -12.61
CA ARG E 28 -1.46 -17.39 -12.30
C ARG E 28 -0.30 -16.99 -11.41
N ILE E 29 0.62 -16.21 -11.97
CA ILE E 29 1.76 -15.75 -11.23
C ILE E 29 1.38 -15.28 -9.84
N ALA E 30 0.27 -14.57 -9.74
CA ALA E 30 -0.19 -14.06 -8.47
C ALA E 30 -0.35 -15.18 -7.45
N GLU E 31 -1.24 -16.13 -7.73
CA GLU E 31 -1.48 -17.23 -6.80
C GLU E 31 -0.27 -18.11 -6.59
N ARG E 32 0.38 -18.47 -7.69
CA ARG E 32 1.57 -19.30 -7.64
C ARG E 32 2.67 -18.69 -6.76
N LEU E 33 2.96 -17.41 -6.95
CA LEU E 33 3.99 -16.75 -6.15
C LEU E 33 3.43 -16.04 -4.92
N GLU E 34 2.16 -16.27 -4.61
CA GLU E 34 1.53 -15.65 -3.45
C GLU E 34 1.87 -14.16 -3.32
N GLN E 35 1.52 -13.41 -4.35
CA GLN E 35 1.75 -11.97 -4.39
C GLN E 35 0.44 -11.29 -4.75
N SER E 36 0.25 -10.08 -4.25
CA SER E 36 -0.98 -9.34 -4.52
C SER E 36 -1.18 -9.05 -6.02
N GLY E 37 -2.45 -8.91 -6.43
CA GLY E 37 -2.77 -8.63 -7.82
C GLY E 37 -2.04 -7.43 -8.38
N PRO E 38 -2.28 -6.23 -7.82
CA PRO E 38 -1.60 -5.02 -8.28
C PRO E 38 -0.11 -5.30 -8.41
N THR E 39 0.48 -5.91 -7.37
CA THR E 39 1.91 -6.20 -7.37
C THR E 39 2.38 -6.87 -8.64
N VAL E 40 1.86 -8.05 -8.92
CA VAL E 40 2.33 -8.75 -10.10
C VAL E 40 2.05 -7.99 -11.38
N SER E 41 0.91 -7.32 -11.46
CA SER E 41 0.60 -6.59 -12.67
C SER E 41 1.67 -5.53 -12.92
N GLN E 42 2.16 -4.91 -11.84
CA GLN E 42 3.18 -3.87 -11.90
C GLN E 42 4.55 -4.41 -12.28
N THR E 43 5.00 -5.41 -11.52
CA THR E 43 6.29 -6.03 -11.78
C THR E 43 6.30 -6.50 -13.23
N VAL E 44 5.18 -7.01 -13.69
CA VAL E 44 5.10 -7.48 -15.06
C VAL E 44 5.27 -6.29 -16.01
N ALA E 45 4.62 -5.18 -15.68
CA ALA E 45 4.75 -4.00 -16.53
C ALA E 45 6.22 -3.70 -16.71
N ARG E 46 6.93 -3.66 -15.59
CA ARG E 46 8.36 -3.38 -15.56
C ARG E 46 9.04 -4.28 -16.57
N MET E 47 8.70 -5.56 -16.50
CA MET E 47 9.24 -6.58 -17.41
C MET E 47 9.01 -6.23 -18.86
N GLU E 48 7.75 -5.92 -19.17
CA GLU E 48 7.36 -5.55 -20.52
C GLU E 48 8.17 -4.35 -20.98
N ARG E 49 8.40 -3.42 -20.05
CA ARG E 49 9.17 -2.21 -20.32
C ARG E 49 10.59 -2.56 -20.71
N ASP E 50 11.06 -3.69 -20.20
CA ASP E 50 12.41 -4.18 -20.48
C ASP E 50 12.35 -5.27 -21.56
N GLY E 51 11.31 -5.20 -22.39
CA GLY E 51 11.13 -6.16 -23.47
C GLY E 51 11.42 -7.59 -23.11
N LEU E 52 10.97 -8.00 -21.93
CA LEU E 52 11.18 -9.37 -21.49
C LEU E 52 9.94 -10.21 -21.76
N VAL E 53 8.80 -9.54 -21.83
CA VAL E 53 7.53 -10.21 -22.03
C VAL E 53 6.53 -9.17 -22.48
N VAL E 54 5.43 -9.62 -23.08
CA VAL E 54 4.38 -8.71 -23.53
C VAL E 54 3.01 -9.29 -23.19
N VAL E 55 2.14 -8.46 -22.63
CA VAL E 55 0.80 -8.90 -22.30
C VAL E 55 -0.02 -8.85 -23.57
N ALA E 56 -0.42 -10.01 -24.05
CA ALA E 56 -1.20 -10.13 -25.28
C ALA E 56 -2.53 -9.39 -25.22
N SER E 57 -3.17 -9.31 -26.37
CA SER E 57 -4.47 -8.65 -26.50
C SER E 57 -5.49 -9.39 -25.64
N ASP E 58 -5.24 -10.68 -25.39
CA ASP E 58 -6.14 -11.48 -24.58
C ASP E 58 -5.64 -11.63 -23.14
N ARG E 59 -4.75 -10.73 -22.71
CA ARG E 59 -4.21 -10.73 -21.35
C ARG E 59 -3.19 -11.83 -21.04
N SER E 60 -2.89 -12.67 -22.03
CA SER E 60 -1.94 -13.76 -21.83
C SER E 60 -0.52 -13.22 -21.92
N LEU E 61 0.41 -13.88 -21.24
CA LEU E 61 1.78 -13.41 -21.25
C LEU E 61 2.72 -14.10 -22.24
N GLN E 62 3.13 -13.36 -23.26
CA GLN E 62 4.04 -13.91 -24.24
C GLN E 62 5.45 -13.42 -24.01
N MET E 63 6.31 -14.32 -23.54
CA MET E 63 7.69 -13.95 -23.32
C MET E 63 8.30 -13.56 -24.66
N THR E 64 9.03 -12.46 -24.66
CA THR E 64 9.70 -12.01 -25.85
C THR E 64 10.79 -13.04 -26.06
N PRO E 65 11.43 -13.06 -27.24
CA PRO E 65 12.49 -14.05 -27.47
C PRO E 65 13.51 -14.01 -26.34
N THR E 66 13.96 -12.79 -26.05
CA THR E 66 14.95 -12.55 -25.01
C THR E 66 14.45 -12.98 -23.62
N GLY E 67 13.19 -12.71 -23.31
CA GLY E 67 12.65 -13.09 -22.02
C GLY E 67 12.57 -14.60 -21.94
N ARG E 68 12.17 -15.20 -23.05
CA ARG E 68 12.04 -16.64 -23.18
C ARG E 68 13.40 -17.30 -22.91
N THR E 69 14.43 -16.79 -23.56
CA THR E 69 15.79 -17.30 -23.41
C THR E 69 16.18 -17.40 -21.95
N LEU E 70 15.97 -16.30 -21.22
CA LEU E 70 16.31 -16.23 -19.81
C LEU E 70 15.46 -17.21 -19.02
N ALA E 71 14.15 -17.20 -19.25
CA ALA E 71 13.25 -18.10 -18.55
C ALA E 71 13.82 -19.50 -18.61
N THR E 72 14.21 -19.90 -19.82
CA THR E 72 14.78 -21.21 -20.07
C THR E 72 16.06 -21.44 -19.28
N ALA E 73 17.00 -20.51 -19.42
CA ALA E 73 18.25 -20.60 -18.71
C ALA E 73 18.01 -20.83 -17.23
N VAL E 74 16.97 -20.21 -16.67
CA VAL E 74 16.68 -20.38 -15.27
C VAL E 74 16.19 -21.80 -15.01
N MET E 75 15.24 -22.27 -15.81
CA MET E 75 14.72 -23.62 -15.64
C MET E 75 15.88 -24.60 -15.68
N ARG E 76 16.76 -24.41 -16.67
CA ARG E 76 17.93 -25.26 -16.84
C ARG E 76 18.78 -25.27 -15.57
N LYS E 77 19.15 -24.08 -15.10
CA LYS E 77 19.95 -23.90 -13.88
C LYS E 77 19.30 -24.63 -12.72
N HIS E 78 17.98 -24.50 -12.62
CA HIS E 78 17.22 -25.13 -11.56
C HIS E 78 17.42 -26.64 -11.54
N ARG E 79 17.02 -27.29 -12.63
CA ARG E 79 17.14 -28.74 -12.77
C ARG E 79 18.59 -29.22 -12.59
N LEU E 80 19.54 -28.49 -13.17
CA LEU E 80 20.96 -28.84 -13.05
C LEU E 80 21.39 -28.83 -11.59
N ALA E 81 20.97 -27.81 -10.86
CA ALA E 81 21.29 -27.70 -9.45
C ALA E 81 20.69 -28.87 -8.69
N GLU E 82 19.43 -29.17 -8.98
CA GLU E 82 18.73 -30.27 -8.31
C GLU E 82 19.54 -31.55 -8.46
N ARG E 83 19.99 -31.82 -9.69
CA ARG E 83 20.79 -33.00 -10.00
C ARG E 83 22.04 -33.03 -9.14
N LEU E 84 22.79 -31.94 -9.16
CA LEU E 84 24.01 -31.86 -8.37
C LEU E 84 23.68 -32.03 -6.88
N LEU E 85 22.66 -31.33 -6.41
CA LEU E 85 22.25 -31.39 -5.02
C LEU E 85 21.98 -32.82 -4.54
N THR E 86 21.34 -33.61 -5.40
CA THR E 86 21.00 -34.98 -5.05
C THR E 86 22.12 -35.96 -5.39
N ASP E 87 22.51 -35.97 -6.66
CA ASP E 87 23.56 -36.86 -7.15
C ASP E 87 24.90 -36.72 -6.44
N ILE E 88 25.36 -35.49 -6.26
CA ILE E 88 26.66 -35.26 -5.63
C ILE E 88 26.61 -34.89 -4.15
N ILE E 89 25.94 -33.80 -3.80
CA ILE E 89 25.88 -33.39 -2.39
C ILE E 89 25.06 -34.37 -1.55
N GLY E 90 24.10 -35.02 -2.20
CA GLY E 90 23.25 -35.97 -1.49
C GLY E 90 22.36 -35.30 -0.47
N LEU E 91 21.82 -34.15 -0.82
CA LEU E 91 20.96 -33.44 0.09
C LEU E 91 19.59 -34.10 0.10
N ASP E 92 18.93 -34.08 1.25
CA ASP E 92 17.60 -34.67 1.39
C ASP E 92 16.72 -34.31 0.19
N ILE E 93 16.08 -35.30 -0.40
CA ILE E 93 15.24 -35.11 -1.58
C ILE E 93 14.09 -34.10 -1.51
N ASN E 94 13.52 -33.85 -0.33
CA ASN E 94 12.43 -32.87 -0.25
C ASN E 94 13.02 -31.45 -0.28
N LYS E 95 14.09 -31.24 0.47
CA LYS E 95 14.75 -29.93 0.53
C LYS E 95 15.37 -29.54 -0.81
N VAL E 96 15.66 -30.54 -1.64
CA VAL E 96 16.28 -30.30 -2.93
C VAL E 96 15.64 -29.24 -3.80
N HIS E 97 14.33 -29.35 -4.03
CA HIS E 97 13.67 -28.37 -4.87
C HIS E 97 13.84 -26.94 -4.36
N ASP E 98 13.59 -26.72 -3.07
CA ASP E 98 13.72 -25.39 -2.47
C ASP E 98 15.11 -24.80 -2.63
N GLU E 99 16.11 -25.56 -2.20
CA GLU E 99 17.50 -25.14 -2.31
C GLU E 99 17.75 -24.69 -3.73
N ALA E 100 17.30 -25.49 -4.69
CA ALA E 100 17.49 -25.16 -6.10
C ALA E 100 16.73 -23.87 -6.49
N CYS E 101 15.53 -23.71 -5.95
CA CYS E 101 14.70 -22.53 -6.21
C CYS E 101 15.47 -21.25 -5.91
N ARG E 102 16.51 -21.40 -5.08
CA ARG E 102 17.39 -20.30 -4.67
C ARG E 102 18.61 -20.23 -5.56
N TRP E 103 19.31 -21.35 -5.66
CA TRP E 103 20.52 -21.42 -6.44
C TRP E 103 20.35 -21.06 -7.91
N GLU E 104 19.19 -21.37 -8.48
CA GLU E 104 18.92 -21.10 -9.88
C GLU E 104 19.25 -19.65 -10.24
N HIS E 105 19.08 -18.78 -9.26
CA HIS E 105 19.31 -17.36 -9.44
C HIS E 105 20.77 -16.90 -9.25
N VAL E 106 21.63 -17.74 -8.69
CA VAL E 106 23.03 -17.34 -8.47
C VAL E 106 24.07 -18.27 -9.07
N MET E 107 23.66 -19.15 -9.97
CA MET E 107 24.60 -20.09 -10.60
C MET E 107 25.05 -19.58 -11.96
N SER E 108 26.36 -19.49 -12.14
CA SER E 108 26.91 -19.00 -13.40
C SER E 108 26.82 -20.03 -14.52
N ASP E 109 27.00 -19.55 -15.74
CA ASP E 109 26.93 -20.45 -16.89
C ASP E 109 28.08 -21.45 -16.87
N GLU E 110 29.23 -21.00 -16.36
CA GLU E 110 30.42 -21.85 -16.28
C GLU E 110 30.09 -23.03 -15.38
N VAL E 111 29.79 -22.72 -14.12
CA VAL E 111 29.44 -23.74 -13.15
C VAL E 111 28.49 -24.74 -13.80
N GLU E 112 27.55 -24.22 -14.57
CA GLU E 112 26.60 -25.08 -15.25
C GLU E 112 27.34 -26.06 -16.15
N ARG E 113 28.19 -25.53 -17.02
CA ARG E 113 28.96 -26.36 -17.93
C ARG E 113 29.79 -27.41 -17.19
N ARG E 114 30.45 -26.98 -16.11
CA ARG E 114 31.27 -27.88 -15.29
C ARG E 114 30.39 -29.02 -14.81
N LEU E 115 29.18 -28.68 -14.36
CA LEU E 115 28.23 -29.67 -13.85
C LEU E 115 27.89 -30.68 -14.94
N VAL E 116 27.69 -30.19 -16.16
CA VAL E 116 27.37 -31.07 -17.27
C VAL E 116 28.40 -32.19 -17.31
N LYS E 117 29.68 -31.80 -17.22
CA LYS E 117 30.79 -32.75 -17.23
C LYS E 117 30.76 -33.70 -16.03
N VAL E 118 30.82 -33.11 -14.84
CA VAL E 118 30.81 -33.88 -13.59
C VAL E 118 29.59 -34.76 -13.37
N LEU E 119 28.48 -34.42 -14.01
CA LEU E 119 27.26 -35.19 -13.85
C LEU E 119 27.13 -36.27 -14.91
N LYS E 120 26.54 -37.41 -14.52
CA LYS E 120 26.34 -38.53 -15.44
C LYS E 120 25.49 -38.02 -16.60
N ASP E 121 24.21 -38.35 -16.59
CA ASP E 121 23.30 -37.90 -17.63
C ASP E 121 22.68 -36.60 -17.15
N VAL E 122 22.39 -35.70 -18.08
CA VAL E 122 21.76 -34.43 -17.73
C VAL E 122 20.47 -34.28 -18.52
N SER E 123 19.83 -35.41 -18.81
CA SER E 123 18.59 -35.43 -19.56
C SER E 123 17.47 -34.74 -18.81
N ARG E 124 17.23 -35.19 -17.59
CA ARG E 124 16.18 -34.63 -16.77
C ARG E 124 16.65 -34.38 -15.36
N SER E 125 15.78 -33.71 -14.62
CA SER E 125 16.04 -33.38 -13.23
C SER E 125 15.74 -34.62 -12.42
N PRO E 126 16.08 -34.59 -11.14
CA PRO E 126 15.80 -35.75 -10.29
C PRO E 126 14.33 -36.13 -10.31
N PHE E 127 13.48 -35.17 -10.68
CA PHE E 127 12.05 -35.41 -10.70
C PHE E 127 11.53 -35.67 -12.11
N GLY E 128 12.45 -36.05 -12.99
CA GLY E 128 12.08 -36.37 -14.36
C GLY E 128 11.81 -35.21 -15.30
N ASN E 129 11.95 -33.98 -14.81
CA ASN E 129 11.70 -32.84 -15.68
C ASN E 129 12.89 -32.63 -16.59
N PRO E 130 12.65 -32.67 -17.91
CA PRO E 130 13.71 -32.48 -18.91
C PRO E 130 14.46 -31.18 -18.73
N ILE E 131 15.78 -31.24 -18.60
CA ILE E 131 16.60 -30.05 -18.46
C ILE E 131 16.71 -29.37 -19.82
N PRO E 132 16.21 -28.12 -19.93
CA PRO E 132 16.20 -27.31 -21.15
C PRO E 132 17.41 -26.48 -21.57
N GLY E 133 17.31 -25.93 -22.78
CA GLY E 133 18.35 -25.09 -23.34
C GLY E 133 19.78 -25.48 -23.05
N LEU E 134 20.08 -26.77 -23.16
CA LEU E 134 21.44 -27.22 -22.91
C LEU E 134 22.24 -26.95 -24.17
N ASP E 135 21.53 -26.99 -25.30
CA ASP E 135 22.16 -26.74 -26.58
C ASP E 135 22.92 -25.43 -26.42
N GLU E 136 22.18 -24.37 -26.08
CA GLU E 136 22.75 -23.05 -25.91
C GLU E 136 23.88 -22.98 -24.89
N LEU E 137 23.87 -23.86 -23.89
CA LEU E 137 24.92 -23.84 -22.88
C LEU E 137 26.33 -23.89 -23.45
N GLY E 138 26.44 -24.18 -24.74
CA GLY E 138 27.76 -24.24 -25.35
C GLY E 138 28.53 -25.49 -24.99
N VAL E 139 27.80 -26.57 -24.71
CA VAL E 139 28.40 -27.85 -24.37
C VAL E 139 27.75 -28.98 -25.20
N ILE E 164 5.79 -43.70 -13.56
CA ILE E 164 5.66 -42.21 -13.64
C ILE E 164 6.77 -41.61 -14.51
N VAL E 165 6.40 -40.67 -15.37
CA VAL E 165 7.36 -40.02 -16.26
C VAL E 165 8.07 -38.85 -15.55
N GLN E 166 7.29 -37.99 -14.89
CA GLN E 166 7.84 -36.83 -14.17
C GLN E 166 6.80 -36.04 -13.36
N ILE E 167 7.25 -35.48 -12.24
CA ILE E 167 6.40 -34.68 -11.36
C ILE E 167 6.71 -33.21 -11.60
N ASN E 168 5.80 -32.52 -12.26
CA ASN E 168 6.01 -31.11 -12.57
C ASN E 168 6.56 -30.30 -11.43
N GLU E 169 7.28 -29.25 -11.79
CA GLU E 169 7.91 -28.37 -10.82
C GLU E 169 6.89 -27.80 -9.85
N ILE E 170 5.66 -27.63 -10.30
CA ILE E 170 4.63 -27.08 -9.44
C ILE E 170 4.24 -28.06 -8.33
N PHE E 171 4.34 -29.36 -8.60
CA PHE E 171 4.00 -30.35 -7.61
C PHE E 171 5.08 -30.40 -6.55
N GLN E 172 6.32 -30.35 -7.01
CA GLN E 172 7.48 -30.39 -6.12
C GLN E 172 7.35 -29.38 -5.00
N VAL E 173 6.62 -28.31 -5.25
CA VAL E 173 6.46 -27.28 -4.23
C VAL E 173 5.38 -27.65 -3.21
N GLU E 174 4.34 -28.32 -3.69
CA GLU E 174 3.25 -28.75 -2.82
C GLU E 174 3.80 -29.73 -1.80
N THR E 175 4.37 -29.21 -0.72
CA THR E 175 4.96 -30.05 0.31
C THR E 175 4.06 -31.16 0.84
N ASP E 176 2.98 -30.77 1.53
CA ASP E 176 2.06 -31.75 2.10
C ASP E 176 1.62 -32.84 1.12
N GLN E 177 1.09 -32.43 -0.03
CA GLN E 177 0.62 -33.40 -1.03
C GLN E 177 1.77 -34.15 -1.72
N PHE E 178 2.96 -33.57 -1.70
CA PHE E 178 4.12 -34.21 -2.33
C PHE E 178 4.70 -35.27 -1.42
N THR E 179 4.77 -34.97 -0.13
CA THR E 179 5.31 -35.92 0.82
C THR E 179 4.35 -37.10 0.96
N GLN E 180 3.07 -36.85 0.68
CA GLN E 180 2.06 -37.90 0.74
C GLN E 180 2.33 -38.79 -0.48
N LEU E 181 2.92 -38.18 -1.49
CA LEU E 181 3.27 -38.84 -2.75
C LEU E 181 4.56 -39.65 -2.55
N LEU E 182 5.43 -39.13 -1.67
CA LEU E 182 6.70 -39.78 -1.38
C LEU E 182 6.47 -40.91 -0.39
N ASP E 183 5.44 -40.74 0.45
CA ASP E 183 5.12 -41.76 1.45
C ASP E 183 4.60 -43.01 0.72
N ALA E 184 4.37 -42.86 -0.58
CA ALA E 184 3.87 -43.95 -1.39
C ALA E 184 5.01 -44.58 -2.19
N ASP E 185 6.21 -44.07 -2.00
CA ASP E 185 7.39 -44.58 -2.70
C ASP E 185 7.21 -44.38 -4.21
N ILE E 186 7.03 -43.12 -4.63
CA ILE E 186 6.83 -42.79 -6.03
C ILE E 186 7.96 -42.01 -6.66
N ARG E 187 8.60 -42.63 -7.64
CA ARG E 187 9.69 -42.02 -8.37
C ARG E 187 9.31 -42.00 -9.83
N VAL E 210 -2.63 -42.73 -3.53
CA VAL E 210 -2.64 -41.26 -3.21
C VAL E 210 -3.47 -40.49 -4.24
N GLU E 211 -4.49 -39.77 -3.76
CA GLU E 211 -5.36 -38.96 -4.61
C GLU E 211 -4.86 -37.53 -4.64
N LEU E 212 -4.68 -36.97 -5.84
CA LEU E 212 -4.17 -35.61 -5.96
C LEU E 212 -5.25 -34.56 -6.18
N LEU E 213 -5.07 -33.41 -5.54
CA LEU E 213 -6.03 -32.30 -5.67
C LEU E 213 -6.29 -32.04 -7.14
N ASP E 214 -7.55 -31.79 -7.46
CA ASP E 214 -7.93 -31.53 -8.85
C ASP E 214 -7.00 -30.52 -9.50
N ASP E 215 -6.50 -29.57 -8.72
CA ASP E 215 -5.59 -28.55 -9.24
C ASP E 215 -4.22 -29.17 -9.59
N LEU E 216 -3.75 -30.05 -8.71
CA LEU E 216 -2.46 -30.72 -8.90
C LEU E 216 -2.55 -31.88 -9.87
N ALA E 217 -3.74 -32.08 -10.42
CA ALA E 217 -4.00 -33.16 -11.36
C ALA E 217 -3.08 -33.13 -12.55
N HIS E 218 -3.16 -32.05 -13.32
CA HIS E 218 -2.33 -31.88 -14.51
C HIS E 218 -0.87 -31.64 -14.16
N THR E 219 -0.51 -31.89 -12.90
CA THR E 219 0.86 -31.68 -12.45
C THR E 219 1.86 -32.80 -12.73
N ILE E 220 1.44 -34.04 -12.53
CA ILE E 220 2.32 -35.18 -12.77
C ILE E 220 2.12 -35.79 -14.15
N ARG E 221 3.09 -35.57 -15.04
CA ARG E 221 3.03 -36.11 -16.40
C ARG E 221 3.52 -37.54 -16.45
N LYS F 1 28.31 -6.27 -9.33
CA LYS F 1 27.55 -5.34 -8.46
C LYS F 1 26.13 -5.83 -8.14
N ASP F 2 26.03 -6.60 -7.06
CA ASP F 2 24.78 -7.14 -6.56
C ASP F 2 25.17 -7.99 -5.37
N LEU F 3 25.15 -7.38 -4.21
CA LEU F 3 25.51 -8.07 -2.98
C LEU F 3 24.68 -9.32 -2.70
N VAL F 4 23.61 -9.53 -3.46
CA VAL F 4 22.70 -10.67 -3.27
C VAL F 4 21.97 -10.44 -1.95
N ASP F 5 22.71 -10.28 -0.86
CA ASP F 5 22.14 -9.93 0.44
C ASP F 5 23.11 -8.87 0.99
N THR F 6 22.62 -7.63 1.08
CA THR F 6 23.42 -6.50 1.56
C THR F 6 23.92 -6.68 2.98
N THR F 7 23.00 -6.88 3.92
CA THR F 7 23.38 -7.05 5.33
C THR F 7 24.46 -8.10 5.53
N GLU F 8 24.31 -9.24 4.86
CA GLU F 8 25.27 -10.33 4.96
C GLU F 8 26.66 -9.89 4.52
N MET F 9 26.78 -9.37 3.29
CA MET F 9 28.08 -8.91 2.79
C MET F 9 28.65 -7.79 3.67
N TYR F 10 27.79 -7.06 4.37
CA TYR F 10 28.27 -6.01 5.26
C TYR F 10 28.95 -6.67 6.46
N LEU F 11 28.22 -7.57 7.11
CA LEU F 11 28.75 -8.28 8.26
C LEU F 11 29.96 -9.14 7.89
N ARG F 12 29.89 -9.83 6.76
CA ARG F 12 31.00 -10.64 6.31
C ARG F 12 32.22 -9.74 6.12
N THR F 13 31.99 -8.51 5.68
CA THR F 13 33.12 -7.62 5.47
C THR F 13 33.72 -7.17 6.79
N ILE F 14 32.88 -6.80 7.75
CA ILE F 14 33.39 -6.39 9.05
C ILE F 14 34.25 -7.54 9.56
N TYR F 15 33.70 -8.76 9.46
CA TYR F 15 34.39 -9.98 9.89
C TYR F 15 35.76 -10.02 9.22
N GLU F 16 35.75 -9.95 7.90
CA GLU F 16 36.96 -9.95 7.09
C GLU F 16 37.99 -8.91 7.56
N LEU F 17 37.53 -7.69 7.82
CA LEU F 17 38.43 -6.63 8.27
C LEU F 17 39.11 -7.07 9.55
N GLU F 18 38.32 -7.61 10.47
CA GLU F 18 38.85 -8.09 11.73
C GLU F 18 39.95 -9.11 11.44
N GLU F 19 39.66 -10.01 10.50
CA GLU F 19 40.60 -11.03 10.08
C GLU F 19 41.92 -10.39 9.66
N GLU F 20 41.86 -9.43 8.73
CA GLU F 20 43.05 -8.74 8.25
C GLU F 20 43.66 -7.83 9.30
N GLY F 21 43.00 -7.74 10.45
CA GLY F 21 43.49 -6.90 11.53
C GLY F 21 43.23 -5.41 11.36
N VAL F 22 42.33 -5.08 10.45
CA VAL F 22 41.96 -3.69 10.18
C VAL F 22 40.80 -3.27 11.05
N THR F 23 40.70 -1.99 11.36
CA THR F 23 39.58 -1.55 12.19
C THR F 23 38.33 -1.38 11.35
N PRO F 24 37.25 -2.10 11.71
CA PRO F 24 35.99 -2.00 10.96
C PRO F 24 35.43 -0.58 11.10
N LEU F 25 35.45 0.11 9.97
CA LEU F 25 34.97 1.48 9.87
C LEU F 25 34.01 1.58 8.69
N ARG F 26 32.96 2.38 8.85
CA ARG F 26 32.00 2.54 7.77
C ARG F 26 32.79 2.79 6.47
N ALA F 27 33.85 3.60 6.58
CA ALA F 27 34.69 3.95 5.42
C ALA F 27 35.22 2.71 4.70
N ARG F 28 35.60 1.70 5.47
CA ARG F 28 36.13 0.49 4.87
C ARG F 28 35.07 -0.17 4.01
N ILE F 29 33.93 -0.45 4.63
CA ILE F 29 32.82 -1.08 3.93
C ILE F 29 32.55 -0.39 2.62
N ALA F 30 32.49 0.94 2.70
CA ALA F 30 32.24 1.77 1.54
C ALA F 30 33.20 1.45 0.40
N GLU F 31 34.49 1.60 0.64
CA GLU F 31 35.47 1.35 -0.41
C GLU F 31 35.48 -0.10 -0.85
N ARG F 32 35.48 -1.00 0.13
CA ARG F 32 35.50 -2.42 -0.12
C ARG F 32 34.31 -2.86 -0.96
N LEU F 33 33.15 -2.33 -0.63
CA LEU F 33 31.93 -2.67 -1.33
C LEU F 33 31.53 -1.69 -2.43
N GLU F 34 32.41 -0.72 -2.73
CA GLU F 34 32.17 0.30 -3.76
C GLU F 34 30.77 0.86 -3.65
N GLN F 35 30.47 1.43 -2.50
CA GLN F 35 29.17 2.02 -2.26
C GLN F 35 29.37 3.40 -1.67
N SER F 36 28.44 4.30 -1.98
CA SER F 36 28.49 5.68 -1.50
C SER F 36 28.59 5.75 0.02
N GLY F 37 29.18 6.83 0.51
CA GLY F 37 29.31 7.01 1.94
C GLY F 37 27.95 7.01 2.63
N PRO F 38 27.07 7.95 2.26
CA PRO F 38 25.75 8.00 2.89
C PRO F 38 25.05 6.65 2.84
N THR F 39 25.18 5.98 1.69
CA THR F 39 24.55 4.67 1.54
C THR F 39 24.93 3.72 2.69
N VAL F 40 26.23 3.43 2.83
CA VAL F 40 26.68 2.53 3.88
C VAL F 40 26.35 3.02 5.28
N SER F 41 26.49 4.30 5.56
CA SER F 41 26.17 4.79 6.90
C SER F 41 24.71 4.53 7.23
N GLN F 42 23.85 4.54 6.22
CA GLN F 42 22.41 4.31 6.42
C GLN F 42 22.11 2.83 6.56
N THR F 43 22.59 2.05 5.60
CA THR F 43 22.40 0.60 5.63
C THR F 43 22.85 0.08 7.01
N VAL F 44 23.99 0.59 7.48
CA VAL F 44 24.52 0.22 8.77
C VAL F 44 23.56 0.62 9.90
N ALA F 45 22.96 1.81 9.77
CA ALA F 45 22.02 2.28 10.78
C ALA F 45 20.92 1.26 10.93
N ARG F 46 20.44 0.79 9.78
CA ARG F 46 19.39 -0.21 9.70
C ARG F 46 19.83 -1.41 10.53
N MET F 47 21.04 -1.87 10.24
CA MET F 47 21.65 -3.01 10.94
C MET F 47 21.61 -2.78 12.44
N GLU F 48 22.14 -1.64 12.87
CA GLU F 48 22.15 -1.31 14.28
C GLU F 48 20.73 -1.35 14.86
N ARG F 49 19.76 -0.88 14.07
CA ARG F 49 18.37 -0.86 14.49
C ARG F 49 17.90 -2.29 14.72
N ASP F 50 18.53 -3.22 14.01
CA ASP F 50 18.20 -4.63 14.12
C ASP F 50 19.19 -5.35 15.03
N GLY F 51 19.82 -4.60 15.93
CA GLY F 51 20.79 -5.17 16.86
C GLY F 51 21.77 -6.15 16.26
N LEU F 52 22.23 -5.86 15.05
CA LEU F 52 23.17 -6.72 14.35
C LEU F 52 24.60 -6.20 14.52
N VAL F 53 24.70 -4.94 14.88
CA VAL F 53 26.00 -4.31 15.04
C VAL F 53 25.76 -2.98 15.70
N VAL F 54 26.81 -2.41 16.28
CA VAL F 54 26.72 -1.11 16.93
C VAL F 54 27.93 -0.27 16.59
N VAL F 55 27.69 1.00 16.34
CA VAL F 55 28.76 1.90 16.00
C VAL F 55 29.33 2.42 17.31
N ALA F 56 30.57 2.02 17.57
CA ALA F 56 31.30 2.40 18.78
C ALA F 56 31.42 3.90 18.97
N SER F 57 31.78 4.26 20.20
CA SER F 57 31.98 5.66 20.56
C SER F 57 33.08 6.19 19.66
N ASP F 58 33.93 5.28 19.18
CA ASP F 58 35.04 5.67 18.33
C ASP F 58 34.76 5.41 16.84
N ARG F 59 33.48 5.32 16.49
CA ARG F 59 33.05 5.09 15.09
C ARG F 59 33.37 3.71 14.52
N SER F 60 33.94 2.83 15.34
CA SER F 60 34.27 1.49 14.88
C SER F 60 33.04 0.63 14.99
N LEU F 61 32.99 -0.41 14.16
CA LEU F 61 31.84 -1.31 14.14
C LEU F 61 31.97 -2.60 14.93
N GLN F 62 31.19 -2.70 15.99
CA GLN F 62 31.22 -3.89 16.83
C GLN F 62 29.98 -4.73 16.61
N MET F 63 30.14 -5.83 15.88
CA MET F 63 29.03 -6.73 15.63
C MET F 63 28.48 -7.18 16.97
N THR F 64 27.15 -7.23 17.10
CA THR F 64 26.53 -7.69 18.32
C THR F 64 26.80 -9.19 18.27
N PRO F 65 26.53 -9.90 19.38
CA PRO F 65 26.77 -11.34 19.39
C PRO F 65 26.05 -11.97 18.21
N THR F 66 24.79 -11.62 18.11
CA THR F 66 23.92 -12.12 17.06
C THR F 66 24.43 -11.72 15.67
N GLY F 67 24.90 -10.48 15.52
CA GLY F 67 25.40 -10.05 14.24
C GLY F 67 26.65 -10.86 13.92
N ARG F 68 27.48 -10.98 14.95
CA ARG F 68 28.73 -11.73 14.87
C ARG F 68 28.48 -13.15 14.38
N THR F 69 27.52 -13.80 15.02
CA THR F 69 27.12 -15.16 14.69
C THR F 69 26.83 -15.36 13.20
N LEU F 70 26.01 -14.46 12.65
CA LEU F 70 25.64 -14.52 11.26
C LEU F 70 26.85 -14.25 10.37
N ALA F 71 27.61 -13.22 10.74
CA ALA F 71 28.79 -12.84 9.99
C ALA F 71 29.62 -14.10 9.76
N THR F 72 29.81 -14.84 10.84
CA THR F 72 30.56 -16.08 10.86
C THR F 72 29.98 -17.12 9.90
N ALA F 73 28.68 -17.35 10.05
CA ALA F 73 27.97 -18.32 9.22
C ALA F 73 28.16 -18.04 7.75
N VAL F 74 28.19 -16.75 7.41
CA VAL F 74 28.37 -16.36 6.03
C VAL F 74 29.76 -16.73 5.57
N MET F 75 30.77 -16.33 6.34
CA MET F 75 32.13 -16.63 5.95
C MET F 75 32.25 -18.13 5.80
N ARG F 76 31.66 -18.86 6.74
CA ARG F 76 31.69 -20.31 6.70
C ARG F 76 31.13 -20.79 5.38
N LYS F 77 29.91 -20.37 5.09
CA LYS F 77 29.24 -20.74 3.85
C LYS F 77 30.13 -20.44 2.64
N HIS F 78 30.78 -19.28 2.70
CA HIS F 78 31.65 -18.85 1.62
C HIS F 78 32.74 -19.87 1.33
N ARG F 79 33.63 -20.03 2.29
CA ARG F 79 34.74 -20.95 2.13
C ARG F 79 34.28 -22.37 1.81
N LEU F 80 33.21 -22.82 2.45
CA LEU F 80 32.68 -24.16 2.20
C LEU F 80 32.33 -24.28 0.73
N ALA F 81 31.66 -23.26 0.23
CA ALA F 81 31.25 -23.23 -1.17
C ALA F 81 32.47 -23.28 -2.08
N GLU F 82 33.49 -22.49 -1.73
CA GLU F 82 34.71 -22.45 -2.53
C GLU F 82 35.30 -23.84 -2.67
N ARG F 83 35.43 -24.54 -1.54
CA ARG F 83 35.97 -25.90 -1.52
C ARG F 83 35.20 -26.80 -2.45
N LEU F 84 33.89 -26.80 -2.32
CA LEU F 84 33.05 -27.62 -3.17
C LEU F 84 33.25 -27.23 -4.64
N LEU F 85 33.23 -25.93 -4.91
CA LEU F 85 33.38 -25.46 -6.28
C LEU F 85 34.66 -25.97 -6.92
N THR F 86 35.76 -25.93 -6.17
CA THR F 86 37.05 -26.38 -6.68
C THR F 86 37.23 -27.89 -6.60
N ASP F 87 37.14 -28.42 -5.38
CA ASP F 87 37.30 -29.84 -5.11
C ASP F 87 36.37 -30.74 -5.91
N ILE F 88 35.08 -30.43 -5.87
CA ILE F 88 34.10 -31.25 -6.57
C ILE F 88 33.73 -30.79 -7.98
N ILE F 89 33.15 -29.59 -8.08
CA ILE F 89 32.74 -29.06 -9.38
C ILE F 89 33.94 -28.83 -10.28
N GLY F 90 35.05 -28.45 -9.68
CA GLY F 90 36.25 -28.20 -10.46
C GLY F 90 36.11 -26.97 -11.33
N LEU F 91 35.48 -25.93 -10.78
CA LEU F 91 35.30 -24.70 -11.53
C LEU F 91 36.61 -23.92 -11.50
N ASP F 92 36.91 -23.21 -12.59
CA ASP F 92 38.14 -22.42 -12.68
C ASP F 92 38.42 -21.68 -11.37
N ILE F 93 39.66 -21.78 -10.91
CA ILE F 93 40.07 -21.18 -9.64
C ILE F 93 39.90 -19.67 -9.44
N ASN F 94 39.92 -18.89 -10.53
CA ASN F 94 39.74 -17.45 -10.37
C ASN F 94 38.27 -17.14 -10.15
N LYS F 95 37.42 -17.79 -10.95
CA LYS F 95 35.97 -17.61 -10.86
C LYS F 95 35.40 -18.13 -9.54
N VAL F 96 36.13 -19.04 -8.91
CA VAL F 96 35.70 -19.65 -7.65
C VAL F 96 35.26 -18.67 -6.56
N HIS F 97 36.10 -17.68 -6.23
CA HIS F 97 35.73 -16.75 -5.17
C HIS F 97 34.44 -15.98 -5.47
N ASP F 98 34.28 -15.50 -6.69
CA ASP F 98 33.09 -14.74 -7.08
C ASP F 98 31.83 -15.58 -6.94
N GLU F 99 31.83 -16.75 -7.57
CA GLU F 99 30.69 -17.65 -7.50
C GLU F 99 30.28 -17.82 -6.04
N ALA F 100 31.26 -18.08 -5.18
CA ALA F 100 31.00 -18.26 -3.75
C ALA F 100 30.44 -17.00 -3.09
N CYS F 101 30.94 -15.84 -3.51
CA CYS F 101 30.50 -14.53 -2.98
C CYS F 101 28.99 -14.40 -3.16
N ARG F 102 28.48 -15.22 -4.06
CA ARG F 102 27.07 -15.27 -4.39
C ARG F 102 26.38 -16.36 -3.58
N TRP F 103 26.85 -17.60 -3.75
CA TRP F 103 26.27 -18.76 -3.07
C TRP F 103 26.19 -18.63 -1.55
N GLU F 104 27.17 -17.98 -0.95
CA GLU F 104 27.20 -17.80 0.50
C GLU F 104 25.87 -17.30 1.05
N HIS F 105 25.16 -16.54 0.23
CA HIS F 105 23.90 -15.98 0.66
C HIS F 105 22.68 -16.85 0.39
N VAL F 106 22.85 -17.94 -0.36
CA VAL F 106 21.71 -18.81 -0.66
C VAL F 106 21.95 -20.28 -0.33
N MET F 107 22.95 -20.58 0.48
CA MET F 107 23.24 -21.96 0.85
C MET F 107 22.70 -22.25 2.22
N SER F 108 21.92 -23.33 2.32
CA SER F 108 21.31 -23.70 3.59
C SER F 108 22.28 -24.36 4.55
N ASP F 109 21.89 -24.45 5.82
CA ASP F 109 22.72 -25.08 6.84
C ASP F 109 22.89 -26.57 6.54
N GLU F 110 21.83 -27.19 6.03
CA GLU F 110 21.86 -28.62 5.69
C GLU F 110 22.91 -28.90 4.63
N VAL F 111 22.76 -28.28 3.46
CA VAL F 111 23.72 -28.48 2.38
C VAL F 111 25.13 -28.30 2.92
N GLU F 112 25.30 -27.36 3.84
CA GLU F 112 26.61 -27.13 4.44
C GLU F 112 27.07 -28.44 5.10
N ARG F 113 26.24 -28.98 6.00
CA ARG F 113 26.54 -30.22 6.70
C ARG F 113 26.85 -31.33 5.74
N ARG F 114 26.02 -31.49 4.72
CA ARG F 114 26.22 -32.51 3.70
C ARG F 114 27.60 -32.35 3.08
N LEU F 115 27.97 -31.08 2.87
CA LEU F 115 29.27 -30.73 2.30
C LEU F 115 30.40 -31.22 3.18
N VAL F 116 30.26 -30.96 4.48
CA VAL F 116 31.26 -31.38 5.46
C VAL F 116 31.56 -32.85 5.20
N LYS F 117 30.50 -33.67 5.13
CA LYS F 117 30.61 -35.10 4.86
C LYS F 117 31.32 -35.41 3.54
N VAL F 118 30.72 -34.97 2.43
CA VAL F 118 31.27 -35.22 1.09
C VAL F 118 32.68 -34.66 0.84
N LEU F 119 33.07 -33.67 1.62
CA LEU F 119 34.37 -33.05 1.44
C LEU F 119 35.43 -33.72 2.29
N LYS F 120 36.65 -33.77 1.77
CA LYS F 120 37.79 -34.35 2.47
C LYS F 120 37.94 -33.57 3.79
N ASP F 121 38.92 -32.68 3.85
CA ASP F 121 39.12 -31.86 5.05
C ASP F 121 38.39 -30.54 4.81
N VAL F 122 37.90 -29.94 5.88
CA VAL F 122 37.21 -28.66 5.78
C VAL F 122 37.87 -27.68 6.73
N SER F 123 39.19 -27.82 6.87
CA SER F 123 39.96 -26.95 7.74
C SER F 123 39.99 -25.54 7.20
N ARG F 124 40.40 -25.43 5.93
CA ARG F 124 40.49 -24.13 5.30
C ARG F 124 39.92 -24.11 3.90
N SER F 125 39.75 -22.91 3.37
CA SER F 125 39.23 -22.67 2.04
C SER F 125 40.34 -23.01 1.06
N PRO F 126 40.02 -23.10 -0.24
CA PRO F 126 41.08 -23.42 -1.21
C PRO F 126 42.21 -22.40 -1.17
N PHE F 127 41.94 -21.27 -0.53
CA PHE F 127 42.93 -20.20 -0.44
C PHE F 127 43.58 -20.14 0.93
N GLY F 128 43.42 -21.21 1.69
CA GLY F 128 44.02 -21.30 3.01
C GLY F 128 43.28 -20.60 4.13
N ASN F 129 42.14 -19.99 3.82
CA ASN F 129 41.40 -19.31 4.87
C ASN F 129 40.66 -20.31 5.75
N PRO F 130 40.93 -20.28 7.05
CA PRO F 130 40.30 -21.19 8.01
C PRO F 130 38.77 -21.10 8.04
N ILE F 131 38.10 -22.19 7.71
CA ILE F 131 36.64 -22.25 7.73
C ILE F 131 36.15 -22.16 9.18
N PRO F 132 35.46 -21.07 9.53
CA PRO F 132 34.95 -20.86 10.89
C PRO F 132 33.58 -21.43 11.28
N GLY F 133 33.24 -21.17 12.54
CA GLY F 133 31.97 -21.60 13.12
C GLY F 133 31.43 -22.96 12.71
N LEU F 134 32.30 -23.93 12.48
CA LEU F 134 31.86 -25.26 12.11
C LEU F 134 31.30 -25.92 13.36
N ASP F 135 31.83 -25.49 14.50
CA ASP F 135 31.41 -26.00 15.80
C ASP F 135 29.91 -25.81 15.90
N GLU F 136 29.48 -24.57 15.71
CA GLU F 136 28.08 -24.19 15.78
C GLU F 136 27.18 -24.94 14.79
N LEU F 137 27.73 -25.32 13.64
CA LEU F 137 26.95 -26.04 12.62
C LEU F 137 26.19 -27.25 13.18
N GLY F 138 26.57 -27.69 14.38
CA GLY F 138 25.90 -28.84 14.99
C GLY F 138 26.39 -30.15 14.41
N VAL F 139 27.60 -30.15 13.88
CA VAL F 139 28.19 -31.36 13.30
C VAL F 139 29.57 -31.59 13.91
N VAL F 165 51.11 -19.41 3.38
CA VAL F 165 50.06 -19.77 4.39
C VAL F 165 48.64 -19.57 3.85
N GLN F 166 48.24 -18.32 3.64
CA GLN F 166 46.89 -18.00 3.12
C GLN F 166 46.76 -16.61 2.47
N ILE F 167 45.94 -16.53 1.42
CA ILE F 167 45.69 -15.27 0.70
C ILE F 167 44.33 -14.72 1.12
N ASN F 168 44.34 -13.69 1.96
CA ASN F 168 43.09 -13.10 2.45
C ASN F 168 41.99 -12.98 1.41
N GLU F 169 40.76 -13.02 1.89
CA GLU F 169 39.59 -12.94 1.02
C GLU F 169 39.63 -11.68 0.15
N ILE F 170 40.18 -10.61 0.69
CA ILE F 170 40.27 -9.35 -0.04
C ILE F 170 41.18 -9.44 -1.27
N PHE F 171 42.21 -10.27 -1.19
CA PHE F 171 43.14 -10.43 -2.31
C PHE F 171 42.49 -11.25 -3.41
N GLN F 172 41.77 -12.28 -3.01
CA GLN F 172 41.09 -13.16 -3.95
C GLN F 172 40.22 -12.37 -4.93
N VAL F 173 39.79 -11.19 -4.50
CA VAL F 173 38.95 -10.35 -5.35
C VAL F 173 39.78 -9.57 -6.35
N GLU F 174 40.95 -9.12 -5.92
CA GLU F 174 41.85 -8.37 -6.78
C GLU F 174 42.26 -9.24 -7.96
N THR F 175 41.43 -9.30 -8.98
CA THR F 175 41.69 -10.12 -10.15
C THR F 175 43.06 -9.92 -10.78
N ASP F 176 43.29 -8.73 -11.33
CA ASP F 176 44.56 -8.42 -11.98
C ASP F 176 45.76 -8.80 -11.13
N GLN F 177 45.84 -8.25 -9.93
CA GLN F 177 46.97 -8.52 -9.05
C GLN F 177 47.00 -9.97 -8.55
N PHE F 178 45.84 -10.62 -8.51
CA PHE F 178 45.78 -12.01 -8.05
C PHE F 178 46.22 -12.97 -9.14
N THR F 179 45.84 -12.69 -10.38
CA THR F 179 46.22 -13.55 -11.50
C THR F 179 47.72 -13.39 -11.75
N GLN F 180 48.27 -12.27 -11.32
CA GLN F 180 49.70 -11.99 -11.45
C GLN F 180 50.37 -12.87 -10.39
N LEU F 181 49.61 -13.14 -9.33
CA LEU F 181 50.05 -13.97 -8.21
C LEU F 181 49.95 -15.45 -8.64
N LEU F 182 48.98 -15.75 -9.49
CA LEU F 182 48.78 -17.12 -9.96
C LEU F 182 49.77 -17.42 -11.09
N ASP F 183 50.17 -16.38 -11.80
CA ASP F 183 51.14 -16.53 -12.89
C ASP F 183 52.50 -16.89 -12.30
N ALA F 184 52.60 -16.80 -10.97
CA ALA F 184 53.84 -17.12 -10.29
C ALA F 184 53.74 -18.51 -9.66
N ASP F 185 52.61 -19.19 -9.89
CA ASP F 185 52.38 -20.53 -9.35
C ASP F 185 52.37 -20.53 -7.81
N ILE F 186 51.43 -19.78 -7.22
CA ILE F 186 51.33 -19.71 -5.76
C ILE F 186 50.04 -20.27 -5.19
N ARG F 187 50.18 -21.33 -4.41
CA ARG F 187 49.02 -21.96 -3.78
C ARG F 187 49.19 -21.76 -2.28
N VAL F 188 48.16 -22.11 -1.52
CA VAL F 188 48.21 -21.95 -0.07
C VAL F 188 49.27 -22.91 0.48
N VAL F 210 56.50 -11.77 -5.53
CA VAL F 210 56.49 -10.53 -6.38
C VAL F 210 56.28 -9.33 -5.48
N GLU F 211 55.78 -8.24 -6.06
CA GLU F 211 55.55 -7.03 -5.28
C GLU F 211 54.06 -6.73 -5.17
N LEU F 212 53.56 -6.74 -3.94
CA LEU F 212 52.15 -6.46 -3.70
C LEU F 212 51.90 -5.04 -3.23
N LEU F 213 50.80 -4.46 -3.70
CA LEU F 213 50.43 -3.09 -3.32
C LEU F 213 50.48 -2.97 -1.81
N ASP F 214 51.04 -1.86 -1.34
CA ASP F 214 51.15 -1.62 0.09
C ASP F 214 49.83 -1.91 0.79
N ASP F 215 48.71 -1.68 0.10
CA ASP F 215 47.39 -1.92 0.68
C ASP F 215 47.13 -3.43 0.78
N LEU F 216 47.58 -4.16 -0.23
CA LEU F 216 47.43 -5.61 -0.30
C LEU F 216 48.50 -6.34 0.52
N ALA F 217 49.37 -5.58 1.17
CA ALA F 217 50.45 -6.13 1.96
C ALA F 217 49.95 -7.03 3.10
N HIS F 218 49.15 -6.46 4.00
CA HIS F 218 48.60 -7.19 5.14
C HIS F 218 47.55 -8.21 4.71
N THR F 219 47.52 -8.49 3.41
CA THR F 219 46.55 -9.41 2.85
C THR F 219 46.95 -10.89 2.89
N ILE F 220 48.21 -11.18 2.58
CA ILE F 220 48.71 -12.55 2.57
C ILE F 220 49.45 -12.94 3.86
N ARG F 221 48.80 -13.71 4.72
CA ARG F 221 49.41 -14.14 5.99
C ARG F 221 50.17 -15.46 5.86
CO CO G . -6.04 26.94 9.65
CO CO H . -6.99 18.97 5.01
CO CO I . -30.57 14.17 3.64
CO CO J . -22.28 10.44 2.16
CO CO K . 12.17 -28.15 -8.65
CO CO L . 13.54 -19.38 -7.07
CO CO M . 36.98 -16.44 -1.24
CO CO N . 28.88 -12.09 -1.46
#